data_8F0L
#
_entry.id   8F0L
#
_cell.length_a   73.634
_cell.length_b   53.084
_cell.length_c   113.934
_cell.angle_alpha   90.00
_cell.angle_beta   99.82
_cell.angle_gamma   90.00
#
_symmetry.space_group_name_H-M   'P 1 21 1'
#
loop_
_entity.id
_entity.type
_entity.pdbx_description
1 polymer 'ADI-26906 Fab Heavy Chain'
2 polymer 'ADI-26906 Fab Light Chain'
3 polymer 'T-cell surface glycoprotein CD3 epsilon chain'
4 non-polymer GLYCEROL
5 water water
#
loop_
_entity_poly.entity_id
_entity_poly.type
_entity_poly.pdbx_seq_one_letter_code
_entity_poly.pdbx_strand_id
1 'polypeptide(L)'
;(PCA)VQLVQSGAEVKKPGASVKVSCKASGFNIKDYYMHWVRQAPGQRLEWMGWIDLENANTIYDAKFQGRVTITRDTSA
STAYMELSSLRSEDTAVYYCARDAYGRYFYDVWGQGTLVTVSSASTKGPSVFPLAPSSKSTSGGTAALGCLVKDYFPEPV
TVSWNSGALTSGVHTFPAVLQSSGLYSLSSVVTVPSSSLGTQTYICNVNHKPSNTKVDKKVEPKSCD
;
H,A
2 'polypeptide(L)'
;DIVMTQSPDSLAVSLGERATINCKSSQSLLNARTGKNYLAWYQQKPGQPPKLLIYWASTRESGVPDRFSGSGSGTDFTLT
ISSLQAEDVAVYYCKQSYSRRTFGGGTKVEIKRTVAAPSVFIFPPSDEQLKSGTASVVCLLNNFYPREAKVQWKVDNALQ
SGNSQESVTEQDSKDSTYSLSSTLTLSKADYEKHKVYACEVTHQGLSSPVTKSFNRGEC
;
L,B
3 'polypeptide(L)' (PCA)DGNEEMGGITQT P,Q
#
# COMPACT_ATOMS: atom_id res chain seq x y z
N VAL A 2 -15.15 25.87 -16.51
CA VAL A 2 -15.18 25.00 -15.38
C VAL A 2 -13.75 24.68 -14.91
N GLN A 3 -13.51 24.72 -13.61
CA GLN A 3 -12.19 24.35 -13.10
C GLN A 3 -12.38 23.70 -11.73
N LEU A 4 -11.48 22.78 -11.39
CA LEU A 4 -11.33 22.25 -10.02
C LEU A 4 -9.87 22.46 -9.62
N VAL A 5 -9.65 23.25 -8.56
CA VAL A 5 -8.32 23.62 -8.16
C VAL A 5 -8.10 23.14 -6.72
N GLN A 6 -7.12 22.27 -6.54
CA GLN A 6 -6.85 21.69 -5.22
C GLN A 6 -5.76 22.42 -4.46
N SER A 7 -5.80 22.23 -3.14
CA SER A 7 -4.78 22.77 -2.26
C SER A 7 -3.42 22.13 -2.54
N GLY A 8 -2.37 22.76 -1.95
CA GLY A 8 -0.98 22.42 -2.21
C GLY A 8 -0.55 21.13 -1.56
N ALA A 9 0.62 20.64 -1.95
CA ALA A 9 1.18 19.40 -1.39
C ALA A 9 1.35 19.47 0.15
N GLU A 10 1.27 18.30 0.77
CA GLU A 10 1.36 18.13 2.21
C GLU A 10 2.42 17.08 2.56
N VAL A 11 3.08 17.29 3.70
CA VAL A 11 3.94 16.29 4.32
C VAL A 11 3.33 16.06 5.70
N LYS A 12 3.15 14.79 6.05
CA LYS A 12 2.58 14.40 7.32
C LYS A 12 3.33 13.25 7.97
N LYS A 13 3.39 13.27 9.32
CA LYS A 13 3.92 12.13 10.03
C LYS A 13 2.88 11.04 10.19
N PRO A 14 3.30 9.79 10.30
CA PRO A 14 2.34 8.72 10.60
C PRO A 14 1.53 9.05 11.85
N GLY A 15 0.26 8.82 11.75
CA GLY A 15 -0.69 9.08 12.82
C GLY A 15 -1.43 10.39 12.71
N ALA A 16 -0.90 11.33 11.92
CA ALA A 16 -1.51 12.62 11.64
C ALA A 16 -2.74 12.46 10.78
N SER A 17 -3.43 13.58 10.56
CA SER A 17 -4.50 13.69 9.59
C SER A 17 -4.15 14.70 8.52
N VAL A 18 -4.83 14.61 7.40
CA VAL A 18 -4.69 15.60 6.35
C VAL A 18 -6.06 15.97 5.85
N LYS A 19 -6.20 17.21 5.41
CA LYS A 19 -7.43 17.70 4.83
C LYS A 19 -7.11 18.48 3.57
N VAL A 20 -7.58 17.96 2.45
CA VAL A 20 -7.29 18.48 1.12
C VAL A 20 -8.53 19.20 0.66
N SER A 21 -8.40 20.36 0.03
CA SER A 21 -9.49 21.15 -0.52
C SER A 21 -9.53 21.08 -2.04
N CYS A 22 -10.74 21.31 -2.56
CA CYS A 22 -11.04 21.23 -4.00
C CYS A 22 -12.01 22.36 -4.27
N LYS A 23 -11.49 23.45 -4.85
CA LYS A 23 -12.31 24.63 -5.12
C LYS A 23 -12.88 24.54 -6.52
N ALA A 24 -14.21 24.61 -6.63
CA ALA A 24 -14.88 24.52 -7.92
C ALA A 24 -15.19 25.92 -8.43
N SER A 25 -14.85 26.19 -9.69
CA SER A 25 -15.11 27.49 -10.28
C SER A 25 -15.83 27.24 -11.59
N GLY A 26 -16.70 28.18 -11.98
CA GLY A 26 -17.28 28.17 -13.32
C GLY A 26 -18.50 27.27 -13.52
N PHE A 27 -19.08 26.70 -12.45
CA PHE A 27 -20.33 25.98 -12.56
C PHE A 27 -21.03 26.02 -11.21
N ASN A 28 -22.27 25.62 -11.20
CA ASN A 28 -23.04 25.59 -9.95
C ASN A 28 -22.86 24.21 -9.32
N ILE A 29 -22.14 24.14 -8.19
CA ILE A 29 -21.75 22.84 -7.66
C ILE A 29 -22.97 22.03 -7.32
N LYS A 30 -24.12 22.68 -7.06
CA LYS A 30 -25.25 21.94 -6.52
C LYS A 30 -25.80 20.91 -7.49
N ASP A 31 -25.48 21.01 -8.77
CA ASP A 31 -25.98 20.05 -9.74
C ASP A 31 -25.09 18.80 -9.82
N TYR A 32 -24.06 18.69 -8.98
CA TYR A 32 -22.98 17.73 -9.15
C TYR A 32 -22.70 16.96 -7.87
N TYR A 33 -21.89 15.92 -8.02
CA TYR A 33 -21.23 15.17 -6.94
C TYR A 33 -19.75 15.41 -7.05
N MET A 34 -19.05 15.50 -5.93
CA MET A 34 -17.59 15.51 -5.97
C MET A 34 -17.11 14.16 -5.47
N HIS A 35 -16.19 13.58 -6.21
CA HIS A 35 -15.53 12.34 -5.88
C HIS A 35 -14.08 12.60 -5.54
N TRP A 36 -13.55 11.70 -4.72
CA TRP A 36 -12.14 11.65 -4.39
C TRP A 36 -11.55 10.31 -4.79
N VAL A 37 -10.39 10.37 -5.48
CA VAL A 37 -9.67 9.23 -6.06
C VAL A 37 -8.20 9.46 -5.77
N ARG A 38 -7.50 8.45 -5.32
CA ARG A 38 -6.09 8.63 -5.03
C ARG A 38 -5.23 7.66 -5.84
N GLN A 39 -3.95 8.00 -5.95
CA GLN A 39 -3.06 7.18 -6.76
C GLN A 39 -1.67 7.14 -6.14
N ALA A 40 -1.29 6.03 -5.52
CA ALA A 40 0.06 5.95 -4.95
C ALA A 40 1.05 5.97 -6.12
N PRO A 41 2.26 6.46 -5.91
CA PRO A 41 3.25 6.52 -7.01
C PRO A 41 3.38 5.23 -7.75
N GLY A 42 3.17 5.33 -9.07
CA GLY A 42 3.33 4.13 -9.89
C GLY A 42 2.24 3.11 -9.81
N GLN A 43 1.17 3.37 -9.10
CA GLN A 43 0.15 2.37 -8.79
C GLN A 43 -1.20 2.75 -9.44
N ARG A 44 -2.20 1.91 -9.13
CA ARG A 44 -3.56 1.99 -9.67
C ARG A 44 -4.32 3.19 -9.08
N LEU A 45 -5.33 3.65 -9.81
CA LEU A 45 -6.28 4.62 -9.26
C LEU A 45 -7.24 3.92 -8.30
N GLU A 46 -7.54 4.59 -7.19
CA GLU A 46 -8.30 4.02 -6.09
C GLU A 46 -9.41 5.02 -5.70
N TRP A 47 -10.65 4.62 -5.89
CA TRP A 47 -11.75 5.49 -5.49
C TRP A 47 -11.92 5.49 -3.98
N MET A 48 -12.16 6.68 -3.42
CA MET A 48 -12.33 6.83 -1.99
C MET A 48 -13.77 7.14 -1.58
N GLY A 49 -14.53 7.91 -2.33
CA GLY A 49 -15.91 8.20 -1.95
C GLY A 49 -16.41 9.40 -2.71
N TRP A 50 -17.65 9.77 -2.41
CA TRP A 50 -18.27 10.92 -3.06
C TRP A 50 -19.08 11.70 -2.03
N ILE A 51 -19.45 12.92 -2.43
CA ILE A 51 -20.40 13.73 -1.68
C ILE A 51 -21.34 14.32 -2.71
N ASP A 52 -22.63 14.30 -2.42
CA ASP A 52 -23.67 14.99 -3.18
C ASP A 52 -23.61 16.48 -2.84
N LEU A 53 -23.18 17.32 -3.79
CA LEU A 53 -22.91 18.70 -3.40
C LEU A 53 -24.17 19.49 -3.09
N GLU A 54 -25.33 19.02 -3.49
CA GLU A 54 -26.59 19.67 -3.13
C GLU A 54 -26.89 19.50 -1.64
N ASN A 55 -26.93 18.26 -1.18
CA ASN A 55 -27.45 17.94 0.15
C ASN A 55 -26.40 17.41 1.11
N ALA A 56 -25.18 17.24 0.70
CA ALA A 56 -24.00 16.84 1.52
C ALA A 56 -24.02 15.37 1.90
N ASN A 57 -24.91 14.58 1.32
CA ASN A 57 -24.91 13.14 1.59
C ASN A 57 -23.60 12.57 1.10
N THR A 58 -23.05 11.60 1.84
CA THR A 58 -21.80 10.99 1.41
C THR A 58 -21.90 9.48 1.31
N ILE A 59 -21.02 8.93 0.47
CA ILE A 59 -20.82 7.49 0.33
C ILE A 59 -19.32 7.28 0.31
N TYR A 60 -18.81 6.38 1.19
CA TYR A 60 -17.37 6.12 1.21
C TYR A 60 -17.08 4.68 0.79
N ASP A 61 -15.94 4.46 0.15
CA ASP A 61 -15.48 3.13 -0.19
C ASP A 61 -15.20 2.38 1.10
N ALA A 62 -15.55 1.09 1.09
CA ALA A 62 -15.40 0.24 2.27
C ALA A 62 -13.99 0.34 2.87
N LYS A 63 -12.98 0.56 2.01
CA LYS A 63 -11.58 0.53 2.47
C LYS A 63 -11.24 1.72 3.33
N PHE A 64 -12.07 2.74 3.30
CA PHE A 64 -11.85 3.95 4.06
C PHE A 64 -12.98 4.24 5.03
N GLN A 65 -13.93 3.33 5.18
CA GLN A 65 -14.98 3.49 6.17
C GLN A 65 -14.34 3.80 7.50
N GLY A 66 -14.86 4.83 8.15
CA GLY A 66 -14.39 5.12 9.49
C GLY A 66 -13.11 5.93 9.56
N ARG A 67 -12.41 6.16 8.42
CA ARG A 67 -11.19 6.97 8.37
C ARG A 67 -11.30 8.23 7.52
N VAL A 68 -12.21 8.26 6.54
CA VAL A 68 -12.28 9.39 5.63
C VAL A 68 -13.50 10.22 5.96
N THR A 69 -13.43 11.51 5.74
CA THR A 69 -14.59 12.39 5.91
C THR A 69 -14.60 13.32 4.71
N ILE A 70 -15.69 13.33 3.95
CA ILE A 70 -15.86 14.27 2.84
C ILE A 70 -16.94 15.27 3.21
N THR A 71 -16.65 16.57 3.00
CA THR A 71 -17.54 17.69 3.35
C THR A 71 -17.54 18.68 2.18
N ARG A 72 -18.45 19.67 2.24
CA ARG A 72 -18.43 20.71 1.22
CA ARG A 72 -18.44 20.72 1.23
C ARG A 72 -19.01 21.98 1.84
N ASP A 73 -18.51 23.13 1.36
CA ASP A 73 -18.92 24.45 1.84
C ASP A 73 -19.54 25.10 0.63
N THR A 74 -20.85 25.27 0.62
CA THR A 74 -21.53 25.81 -0.55
C THR A 74 -21.04 27.22 -0.88
N SER A 75 -20.96 28.08 0.15
CA SER A 75 -20.62 29.48 -0.09
C SER A 75 -19.19 29.61 -0.59
N ALA A 76 -18.32 28.66 -0.26
CA ALA A 76 -16.94 28.72 -0.78
C ALA A 76 -16.78 27.91 -2.08
N SER A 77 -17.84 27.24 -2.53
CA SER A 77 -17.81 26.40 -3.70
C SER A 77 -16.63 25.42 -3.61
N THR A 78 -16.46 24.84 -2.41
CA THR A 78 -15.31 23.97 -2.15
C THR A 78 -15.70 22.68 -1.47
N ALA A 79 -15.10 21.60 -1.90
CA ALA A 79 -15.23 20.32 -1.24
C ALA A 79 -13.92 19.95 -0.57
N TYR A 80 -13.99 19.09 0.44
CA TYR A 80 -12.84 18.73 1.25
C TYR A 80 -12.83 17.22 1.50
N MET A 81 -11.63 16.67 1.56
CA MET A 81 -11.40 15.29 1.96
C MET A 81 -10.46 15.29 3.13
N GLU A 82 -10.83 14.68 4.24
CA GLU A 82 -9.98 14.55 5.42
C GLU A 82 -9.74 13.07 5.68
N LEU A 83 -8.51 12.66 5.79
CA LEU A 83 -8.12 11.28 6.01
C LEU A 83 -7.29 11.23 7.28
N SER A 84 -7.70 10.41 8.23
CA SER A 84 -7.07 10.38 9.54
C SER A 84 -6.24 9.11 9.70
N SER A 85 -5.52 9.04 10.83
CA SER A 85 -4.69 7.90 11.17
C SER A 85 -3.75 7.52 10.00
N LEU A 86 -3.03 8.53 9.49
CA LEU A 86 -2.26 8.32 8.30
C LEU A 86 -1.11 7.32 8.55
N ARG A 87 -0.87 6.52 7.52
CA ARG A 87 0.27 5.62 7.44
C ARG A 87 1.09 5.90 6.20
N SER A 88 2.30 5.34 6.19
CA SER A 88 3.16 5.60 5.06
C SER A 88 2.54 5.11 3.79
N GLU A 89 1.71 4.07 3.83
CA GLU A 89 1.03 3.57 2.65
C GLU A 89 -0.03 4.52 2.13
N ASP A 90 -0.39 5.57 2.86
CA ASP A 90 -1.28 6.60 2.34
C ASP A 90 -0.56 7.66 1.53
N THR A 91 0.75 7.57 1.33
CA THR A 91 1.44 8.44 0.41
C THR A 91 0.88 8.26 -0.99
N ALA A 92 0.39 9.36 -1.58
CA ALA A 92 -0.35 9.27 -2.85
C ALA A 92 -0.64 10.67 -3.36
N VAL A 93 -0.98 10.74 -4.63
CA VAL A 93 -1.61 11.93 -5.15
C VAL A 93 -3.10 11.71 -4.96
N TYR A 94 -3.76 12.69 -4.36
CA TYR A 94 -5.20 12.73 -4.12
C TYR A 94 -5.87 13.65 -5.13
N TYR A 95 -6.89 13.15 -5.83
CA TYR A 95 -7.60 13.92 -6.86
C TYR A 95 -9.03 14.15 -6.41
N CYS A 96 -9.57 15.32 -6.70
CA CYS A 96 -11.02 15.44 -6.75
C CYS A 96 -11.50 15.34 -8.21
N ALA A 97 -12.75 14.96 -8.39
CA ALA A 97 -13.29 14.89 -9.74
C ALA A 97 -14.80 15.07 -9.67
N ARG A 98 -15.44 15.69 -10.68
CA ARG A 98 -16.88 15.90 -10.57
C ARG A 98 -17.64 14.80 -11.35
N ASP A 99 -18.89 14.54 -10.94
CA ASP A 99 -19.77 13.60 -11.60
C ASP A 99 -21.18 14.13 -11.29
N ALA A 100 -22.17 13.48 -11.87
CA ALA A 100 -23.55 13.91 -11.73
C ALA A 100 -24.48 12.76 -12.05
N TYR A 101 -25.68 12.83 -11.48
CA TYR A 101 -26.72 11.91 -11.86
C TYR A 101 -26.88 11.98 -13.37
N GLY A 102 -27.02 10.82 -13.97
CA GLY A 102 -27.12 10.71 -15.40
C GLY A 102 -25.78 10.53 -16.13
N ARG A 103 -24.66 10.90 -15.52
CA ARG A 103 -23.36 10.87 -16.19
C ARG A 103 -22.58 9.62 -15.87
N TYR A 104 -22.13 9.48 -14.62
CA TYR A 104 -21.33 8.32 -14.21
C TYR A 104 -19.99 8.26 -14.94
N PHE A 105 -19.42 9.46 -15.12
CA PHE A 105 -18.06 9.63 -15.66
C PHE A 105 -17.48 10.92 -15.07
N TYR A 106 -16.15 11.00 -15.11
CA TYR A 106 -15.38 12.09 -14.54
C TYR A 106 -14.87 12.99 -15.67
N ASP A 107 -15.61 14.07 -15.98
CA ASP A 107 -15.16 14.89 -17.11
C ASP A 107 -14.14 15.96 -16.74
N VAL A 108 -14.06 16.30 -15.46
CA VAL A 108 -13.15 17.34 -15.00
C VAL A 108 -12.55 16.88 -13.69
N TRP A 109 -11.22 16.94 -13.61
CA TRP A 109 -10.42 16.55 -12.46
C TRP A 109 -9.64 17.75 -11.92
N GLY A 110 -9.40 17.77 -10.63
CA GLY A 110 -8.44 18.62 -10.03
C GLY A 110 -7.06 18.23 -10.49
N GLN A 111 -6.06 19.07 -10.17
CA GLN A 111 -4.69 18.83 -10.62
C GLN A 111 -3.94 17.82 -9.79
N GLY A 112 -4.52 17.41 -8.68
CA GLY A 112 -3.91 16.45 -7.78
C GLY A 112 -3.20 17.16 -6.66
N THR A 113 -3.17 16.51 -5.48
CA THR A 113 -2.43 16.98 -4.30
C THR A 113 -1.55 15.84 -3.80
N LEU A 114 -0.21 16.02 -3.82
CA LEU A 114 0.65 14.98 -3.24
C LEU A 114 0.63 15.08 -1.72
N VAL A 115 0.33 13.97 -1.07
CA VAL A 115 0.44 13.89 0.38
C VAL A 115 1.52 12.84 0.60
N THR A 116 2.64 13.23 1.23
CA THR A 116 3.68 12.30 1.65
C THR A 116 3.55 12.03 3.14
N VAL A 117 3.43 10.76 3.53
CA VAL A 117 3.37 10.35 4.91
C VAL A 117 4.66 9.66 5.28
N SER A 118 5.43 10.24 6.20
CA SER A 118 6.77 9.77 6.49
C SER A 118 7.23 10.42 7.76
N SER A 119 8.07 9.72 8.52
CA SER A 119 8.75 10.28 9.68
C SER A 119 9.87 11.23 9.26
N ALA A 120 10.28 11.25 8.00
CA ALA A 120 11.36 12.12 7.55
C ALA A 120 10.96 13.59 7.59
N SER A 121 11.97 14.42 7.76
CA SER A 121 11.81 15.86 7.77
C SER A 121 12.23 16.48 6.44
N THR A 122 11.53 17.53 6.07
CA THR A 122 11.82 18.27 4.85
C THR A 122 13.30 18.60 4.78
N LYS A 123 13.91 18.36 3.62
CA LYS A 123 15.35 18.45 3.47
C LYS A 123 15.73 18.71 2.02
N GLY A 124 16.52 19.73 1.76
CA GLY A 124 16.89 19.94 0.38
C GLY A 124 18.08 19.05 -0.02
N PRO A 125 18.30 18.90 -1.32
CA PRO A 125 19.27 17.95 -1.83
C PRO A 125 20.68 18.44 -1.79
N SER A 126 21.61 17.49 -1.75
CA SER A 126 23.00 17.72 -2.14
C SER A 126 23.14 17.36 -3.61
N VAL A 127 23.90 18.13 -4.37
CA VAL A 127 23.99 17.91 -5.82
C VAL A 127 25.47 17.66 -6.10
N PHE A 128 25.75 16.50 -6.63
CA PHE A 128 27.11 16.10 -6.94
C PHE A 128 27.27 15.91 -8.44
N PRO A 129 28.46 16.16 -8.97
CA PRO A 129 28.67 15.97 -10.41
C PRO A 129 28.90 14.51 -10.78
N LEU A 130 28.46 14.16 -11.97
CA LEU A 130 28.80 12.89 -12.63
C LEU A 130 29.71 13.30 -13.80
N ALA A 131 31.02 13.37 -13.55
CA ALA A 131 31.90 14.00 -14.51
C ALA A 131 32.10 13.08 -15.73
N PRO A 132 32.27 13.67 -16.93
CA PRO A 132 32.52 12.85 -18.12
C PRO A 132 33.90 12.15 -18.08
N GLY A 140 32.65 8.95 -29.86
CA GLY A 140 32.49 10.34 -30.19
C GLY A 140 31.53 11.04 -29.24
N THR A 141 30.89 10.25 -28.37
CA THR A 141 29.87 10.73 -27.44
C THR A 141 30.36 10.59 -26.00
N ALA A 142 30.06 11.59 -25.17
CA ALA A 142 30.40 11.51 -23.76
C ALA A 142 29.14 11.66 -22.95
N ALA A 143 29.09 11.00 -21.79
CA ALA A 143 27.97 11.19 -20.88
C ALA A 143 28.44 11.94 -19.65
N LEU A 144 27.56 12.77 -19.11
CA LEU A 144 27.82 13.46 -17.87
C LEU A 144 26.47 13.68 -17.21
N GLY A 145 26.51 14.10 -15.97
CA GLY A 145 25.26 14.33 -15.27
C GLY A 145 25.47 14.88 -13.87
N CYS A 146 24.37 14.85 -13.13
CA CYS A 146 24.34 15.27 -11.73
CA CYS A 146 24.39 15.24 -11.72
C CYS A 146 23.58 14.25 -10.90
N LEU A 147 24.04 14.02 -9.69
CA LEU A 147 23.37 13.16 -8.72
C LEU A 147 22.74 14.06 -7.66
N VAL A 148 21.43 14.00 -7.56
CA VAL A 148 20.65 14.85 -6.67
C VAL A 148 20.23 13.98 -5.49
N LYS A 149 20.98 14.13 -4.38
CA LYS A 149 20.95 13.16 -3.30
C LYS A 149 20.31 13.69 -2.01
N ASP A 150 19.58 12.81 -1.33
CA ASP A 150 19.17 12.98 0.05
C ASP A 150 18.21 14.14 0.22
N TYR A 151 17.04 14.09 -0.41
CA TYR A 151 16.09 15.18 -0.20
C TYR A 151 14.77 14.57 0.22
N PHE A 152 13.92 15.47 0.74
CA PHE A 152 12.59 15.03 1.16
C PHE A 152 11.69 16.26 1.27
N PRO A 153 10.42 16.20 0.80
CA PRO A 153 9.80 15.11 0.02
C PRO A 153 10.05 15.28 -1.44
N GLU A 154 9.39 14.47 -2.26
CA GLU A 154 9.30 14.80 -3.69
C GLU A 154 8.52 16.12 -3.88
N PRO A 155 8.67 16.80 -5.02
CA PRO A 155 9.59 16.54 -6.12
C PRO A 155 10.78 17.46 -6.22
N VAL A 156 11.68 17.05 -7.09
CA VAL A 156 12.74 17.93 -7.57
C VAL A 156 12.61 18.10 -9.07
N THR A 157 13.10 19.24 -9.58
CA THR A 157 13.20 19.43 -11.04
C THR A 157 14.66 19.63 -11.38
N VAL A 158 15.05 19.18 -12.56
CA VAL A 158 16.42 19.35 -13.08
C VAL A 158 16.31 19.89 -14.52
N SER A 159 17.05 20.95 -14.82
CA SER A 159 17.27 21.37 -16.19
C SER A 159 18.77 21.45 -16.43
N TRP A 160 19.17 21.55 -17.71
CA TRP A 160 20.54 21.70 -18.12
C TRP A 160 20.73 23.05 -18.82
N ASN A 161 21.75 23.79 -18.41
CA ASN A 161 22.02 25.11 -19.00
C ASN A 161 20.77 25.97 -19.12
N SER A 162 20.00 25.98 -18.04
CA SER A 162 18.80 26.78 -17.89
C SER A 162 17.74 26.43 -18.94
N GLY A 163 17.79 25.18 -19.47
CA GLY A 163 16.83 24.84 -20.51
C GLY A 163 17.32 24.98 -21.91
N ALA A 164 18.52 25.50 -22.07
CA ALA A 164 19.11 25.57 -23.37
C ALA A 164 19.56 24.23 -23.90
N LEU A 165 19.77 23.24 -23.05
CA LEU A 165 20.25 21.92 -23.41
C LEU A 165 19.14 20.94 -23.06
N THR A 166 18.51 20.39 -24.09
CA THR A 166 17.42 19.45 -23.91
C THR A 166 17.65 18.14 -24.67
N SER A 167 18.39 18.18 -25.80
CA SER A 167 18.64 16.98 -26.57
C SER A 167 19.54 16.03 -25.78
N GLY A 168 19.15 14.79 -25.69
CA GLY A 168 19.99 13.82 -25.02
C GLY A 168 19.91 13.84 -23.50
N VAL A 169 18.99 14.62 -22.90
CA VAL A 169 18.86 14.71 -21.44
C VAL A 169 17.93 13.59 -20.98
N HIS A 170 18.31 12.85 -19.95
CA HIS A 170 17.42 11.92 -19.27
C HIS A 170 17.45 12.23 -17.77
N THR A 171 16.29 12.54 -17.18
CA THR A 171 16.18 12.76 -15.75
C THR A 171 15.32 11.64 -15.19
N PHE A 172 15.88 10.87 -14.33
CA PHE A 172 15.32 9.57 -13.96
C PHE A 172 14.34 9.73 -12.80
N PRO A 173 13.48 8.75 -12.61
CA PRO A 173 12.63 8.76 -11.42
C PRO A 173 13.48 8.63 -10.17
N ALA A 174 12.98 9.26 -9.11
CA ALA A 174 13.66 9.17 -7.82
C ALA A 174 13.47 7.79 -7.21
N VAL A 175 14.48 7.39 -6.40
CA VAL A 175 14.40 6.18 -5.58
C VAL A 175 14.34 6.64 -4.13
N LEU A 176 13.64 5.88 -3.28
CA LEU A 176 13.49 6.21 -1.86
C LEU A 176 14.45 5.31 -1.09
N GLN A 177 15.44 5.89 -0.47
CA GLN A 177 16.51 5.19 0.23
C GLN A 177 16.04 4.72 1.58
N SER A 178 16.83 3.84 2.21
CA SER A 178 16.48 3.32 3.52
C SER A 178 16.44 4.40 4.58
N SER A 179 17.11 5.50 4.35
CA SER A 179 17.06 6.65 5.23
C SER A 179 15.75 7.40 5.20
N GLY A 180 14.86 7.11 4.29
CA GLY A 180 13.62 7.88 4.05
C GLY A 180 13.81 9.11 3.22
N LEU A 181 14.98 9.30 2.67
CA LEU A 181 15.26 10.40 1.78
C LEU A 181 15.36 9.88 0.35
N TYR A 182 14.98 10.74 -0.62
CA TYR A 182 14.98 10.39 -2.04
C TYR A 182 16.32 10.74 -2.66
N SER A 183 16.64 10.15 -3.82
CA SER A 183 17.83 10.44 -4.61
C SER A 183 17.43 10.24 -6.06
N LEU A 184 17.91 11.12 -6.95
CA LEU A 184 17.70 10.90 -8.35
C LEU A 184 18.91 11.33 -9.12
N SER A 185 19.03 10.86 -10.36
CA SER A 185 20.07 11.37 -11.22
C SER A 185 19.47 12.00 -12.49
N SER A 186 20.26 12.84 -13.12
CA SER A 186 19.97 13.44 -14.41
C SER A 186 21.25 13.39 -15.22
N VAL A 187 21.19 12.93 -16.46
CA VAL A 187 22.36 12.77 -17.31
C VAL A 187 22.07 13.41 -18.68
N VAL A 188 23.14 13.67 -19.41
CA VAL A 188 23.04 14.13 -20.80
C VAL A 188 24.22 13.55 -21.55
N THR A 189 23.99 13.22 -22.82
CA THR A 189 25.07 12.82 -23.71
C THR A 189 25.35 13.96 -24.66
N VAL A 190 26.62 14.21 -24.94
CA VAL A 190 27.07 15.37 -25.72
C VAL A 190 28.28 14.93 -26.53
N PRO A 191 28.59 15.67 -27.58
CA PRO A 191 29.80 15.34 -28.36
C PRO A 191 31.04 15.52 -27.50
N SER A 192 31.92 14.52 -27.53
CA SER A 192 33.10 14.56 -26.68
C SER A 192 34.00 15.72 -27.08
N SER A 193 33.98 16.13 -28.35
CA SER A 193 34.72 17.30 -28.80
C SER A 193 34.25 18.61 -28.18
N SER A 194 33.09 18.62 -27.53
CA SER A 194 32.55 19.82 -26.94
C SER A 194 33.01 20.02 -25.49
N LEU A 195 33.64 19.00 -24.88
CA LEU A 195 33.94 19.08 -23.46
C LEU A 195 34.89 20.20 -23.14
N GLY A 196 35.81 20.51 -24.06
CA GLY A 196 36.70 21.63 -23.79
C GLY A 196 36.15 23.04 -24.07
N THR A 197 35.01 23.16 -24.73
CA THR A 197 34.53 24.46 -25.16
C THR A 197 33.15 24.83 -24.64
N GLN A 198 32.32 23.86 -24.36
CA GLN A 198 30.98 24.09 -23.87
C GLN A 198 30.94 23.83 -22.36
N THR A 199 30.23 24.68 -21.64
CA THR A 199 30.02 24.47 -20.20
C THR A 199 28.66 23.83 -20.00
N TYR A 200 28.59 22.89 -19.06
CA TYR A 200 27.40 22.12 -18.74
C TYR A 200 27.08 22.30 -17.27
N ILE A 201 25.90 22.82 -16.99
CA ILE A 201 25.43 23.16 -15.65
C ILE A 201 24.07 22.50 -15.44
N CYS A 202 23.92 21.77 -14.37
CA CYS A 202 22.62 21.23 -14.00
CA CYS A 202 22.63 21.21 -13.97
C CYS A 202 22.00 22.16 -12.97
N ASN A 203 20.73 22.52 -13.21
CA ASN A 203 19.97 23.44 -12.39
C ASN A 203 18.94 22.61 -11.64
N VAL A 204 19.05 22.57 -10.32
CA VAL A 204 18.20 21.74 -9.47
C VAL A 204 17.35 22.61 -8.60
N ASN A 205 16.07 22.30 -8.54
CA ASN A 205 15.13 23.01 -7.67
C ASN A 205 14.38 22.01 -6.82
N HIS A 206 14.21 22.35 -5.54
CA HIS A 206 13.43 21.56 -4.61
C HIS A 206 12.51 22.55 -3.94
N LYS A 207 11.34 22.74 -4.51
CA LYS A 207 10.40 23.73 -4.00
C LYS A 207 9.98 23.46 -2.57
N PRO A 208 9.84 22.21 -2.14
CA PRO A 208 9.42 21.99 -0.75
C PRO A 208 10.36 22.63 0.27
N SER A 209 11.65 22.72 -0.01
CA SER A 209 12.56 23.33 0.93
C SER A 209 13.05 24.67 0.42
N ASN A 210 12.51 25.18 -0.65
CA ASN A 210 12.95 26.40 -1.34
C ASN A 210 14.46 26.40 -1.54
N THR A 211 14.91 25.27 -2.06
CA THR A 211 16.32 25.05 -2.38
C THR A 211 16.57 25.14 -3.88
N LYS A 212 17.48 26.03 -4.28
CA LYS A 212 17.97 26.05 -5.65
C LYS A 212 19.47 25.82 -5.60
N VAL A 213 19.98 24.93 -6.47
CA VAL A 213 21.38 24.60 -6.58
C VAL A 213 21.68 24.49 -8.06
N ASP A 214 22.81 25.07 -8.49
CA ASP A 214 23.37 24.84 -9.81
C ASP A 214 24.74 24.21 -9.61
N LYS A 215 25.07 23.22 -10.45
CA LYS A 215 26.37 22.57 -10.40
C LYS A 215 26.97 22.53 -11.78
N LYS A 216 28.16 23.09 -11.92
CA LYS A 216 28.91 23.00 -13.15
C LYS A 216 29.63 21.65 -13.17
N VAL A 217 29.44 20.88 -14.22
CA VAL A 217 30.04 19.56 -14.32
C VAL A 217 31.22 19.66 -15.27
N GLU A 218 32.42 19.43 -14.75
CA GLU A 218 33.64 19.58 -15.55
C GLU A 218 34.35 18.25 -15.72
N PRO A 219 35.13 18.06 -16.79
CA PRO A 219 35.87 16.83 -17.09
C PRO A 219 36.91 16.42 -16.08
N ASP B 1 -16.73 -5.69 -4.15
CA ASP B 1 -16.68 -4.72 -5.26
C ASP B 1 -16.63 -5.42 -6.62
N ILE B 2 -17.00 -4.68 -7.66
CA ILE B 2 -16.86 -5.18 -9.02
C ILE B 2 -15.40 -5.15 -9.41
N VAL B 3 -14.90 -6.26 -9.95
CA VAL B 3 -13.49 -6.38 -10.28
C VAL B 3 -13.35 -6.09 -11.75
N MET B 4 -12.38 -5.25 -12.10
CA MET B 4 -12.09 -4.85 -13.47
C MET B 4 -10.71 -5.36 -13.85
N THR B 5 -10.64 -6.15 -14.90
CA THR B 5 -9.43 -6.82 -15.37
C THR B 5 -9.09 -6.33 -16.77
N GLN B 6 -7.98 -5.62 -16.90
CA GLN B 6 -7.54 -5.14 -18.20
C GLN B 6 -6.48 -6.07 -18.74
N SER B 7 -6.43 -6.16 -20.07
CA SER B 7 -5.35 -6.90 -20.75
C SER B 7 -5.10 -6.27 -22.11
N PRO B 8 -3.88 -6.29 -22.61
CA PRO B 8 -2.65 -6.68 -21.90
C PRO B 8 -2.22 -5.55 -20.93
N ASP B 9 -1.21 -5.81 -20.10
CA ASP B 9 -0.72 -4.79 -19.18
C ASP B 9 0.12 -3.77 -19.92
N SER B 10 0.76 -4.19 -21.03
CA SER B 10 1.62 -3.35 -21.85
C SER B 10 1.39 -3.71 -23.32
N LEU B 11 1.46 -2.71 -24.19
CA LEU B 11 1.31 -2.92 -25.63
C LEU B 11 2.28 -2.00 -26.37
N ALA B 12 2.99 -2.55 -27.36
CA ALA B 12 3.87 -1.74 -28.20
C ALA B 12 3.44 -1.93 -29.64
N VAL B 13 3.16 -0.80 -30.33
CA VAL B 13 2.72 -0.80 -31.72
C VAL B 13 3.47 0.29 -32.46
N SER B 14 3.63 0.13 -33.77
CA SER B 14 4.31 1.15 -34.55
C SER B 14 3.38 2.33 -34.85
N LEU B 15 3.98 3.49 -35.12
CA LEU B 15 3.14 4.63 -35.48
C LEU B 15 2.28 4.28 -36.69
N GLY B 16 1.00 4.62 -36.60
CA GLY B 16 0.06 4.38 -37.65
C GLY B 16 -0.65 3.05 -37.57
N GLU B 17 -0.32 2.21 -36.59
CA GLU B 17 -0.86 0.85 -36.54
C GLU B 17 -1.96 0.77 -35.47
N ARG B 18 -2.75 -0.29 -35.53
CA ARG B 18 -3.92 -0.44 -34.69
C ARG B 18 -3.51 -0.91 -33.30
N ALA B 19 -4.16 -0.37 -32.27
CA ALA B 19 -3.98 -0.79 -30.89
C ALA B 19 -5.34 -1.13 -30.29
N THR B 20 -5.40 -2.29 -29.59
CA THR B 20 -6.61 -2.80 -28.97
C THR B 20 -6.36 -3.09 -27.50
N ILE B 21 -7.21 -2.59 -26.60
CA ILE B 21 -7.10 -2.87 -25.17
C ILE B 21 -8.40 -3.47 -24.69
N ASN B 22 -8.34 -4.48 -23.85
CA ASN B 22 -9.52 -5.19 -23.37
CA ASN B 22 -9.53 -5.19 -23.38
C ASN B 22 -9.74 -4.93 -21.88
N CYS B 23 -11.00 -4.99 -21.47
CA CYS B 23 -11.44 -4.81 -20.10
C CYS B 23 -12.60 -5.74 -19.84
N LYS B 24 -12.49 -6.56 -18.80
CA LYS B 24 -13.53 -7.48 -18.38
C LYS B 24 -14.01 -7.11 -16.99
N SER B 25 -15.31 -7.17 -16.76
CA SER B 25 -15.83 -6.86 -15.44
C SER B 25 -16.38 -8.13 -14.84
N SER B 26 -16.40 -8.21 -13.50
CA SER B 26 -16.85 -9.44 -12.85
C SER B 26 -18.36 -9.56 -12.82
N GLN B 27 -19.07 -8.51 -13.22
CA GLN B 27 -20.50 -8.61 -13.40
C GLN B 27 -20.90 -7.61 -14.45
N SER B 28 -22.09 -7.81 -15.01
CA SER B 28 -22.61 -6.92 -16.02
C SER B 28 -22.76 -5.47 -15.54
N LEU B 29 -22.32 -4.55 -16.40
CA LEU B 29 -22.46 -3.13 -16.15
C LEU B 29 -23.65 -2.51 -16.84
N LEU B 30 -24.58 -3.31 -17.34
CA LEU B 30 -25.69 -2.81 -18.12
C LEU B 30 -26.90 -2.62 -17.22
N ASN B 31 -27.46 -1.41 -17.23
CA ASN B 31 -28.75 -1.13 -16.60
C ASN B 31 -29.83 -1.30 -17.67
N ALA B 32 -30.61 -2.37 -17.60
CA ALA B 32 -31.58 -2.67 -18.65
C ALA B 32 -32.64 -1.57 -18.80
N ARG B 33 -32.90 -0.79 -17.73
CA ARG B 33 -33.91 0.26 -17.84
C ARG B 33 -33.41 1.46 -18.64
N THR B 34 -32.12 1.70 -18.67
CA THR B 34 -31.56 2.77 -19.45
C THR B 34 -30.86 2.27 -20.70
N GLY B 35 -30.61 0.96 -20.79
CA GLY B 35 -29.84 0.44 -21.90
C GLY B 35 -28.38 0.87 -21.88
N LYS B 36 -27.88 1.46 -20.79
N LYS B 36 -27.90 1.51 -20.80
CA LYS B 36 -26.53 2.00 -20.76
CA LYS B 36 -26.55 2.02 -20.73
C LYS B 36 -25.58 1.09 -20.01
C LYS B 36 -25.62 1.00 -20.06
N ASN B 37 -24.41 0.87 -20.58
CA ASN B 37 -23.29 0.19 -19.90
C ASN B 37 -22.39 1.24 -19.26
N TYR B 38 -22.24 1.17 -17.93
CA TYR B 38 -21.52 2.23 -17.19
C TYR B 38 -20.04 1.87 -17.11
N LEU B 39 -19.36 2.11 -18.25
CA LEU B 39 -17.96 1.74 -18.47
C LEU B 39 -17.33 2.94 -19.18
N ALA B 40 -16.14 3.34 -18.68
CA ALA B 40 -15.47 4.54 -19.18
C ALA B 40 -13.99 4.24 -19.34
N TRP B 41 -13.34 4.88 -20.30
CA TRP B 41 -11.90 4.73 -20.56
C TRP B 41 -11.24 6.10 -20.33
N TYR B 42 -10.12 6.10 -19.56
CA TYR B 42 -9.35 7.28 -19.22
C TYR B 42 -7.92 7.09 -19.71
N GLN B 43 -7.30 8.18 -20.15
CA GLN B 43 -5.90 8.24 -20.60
C GLN B 43 -5.12 9.06 -19.58
N GLN B 44 -3.98 8.54 -19.10
CA GLN B 44 -3.17 9.27 -18.15
C GLN B 44 -1.72 9.34 -18.55
N LYS B 45 -1.19 10.55 -18.55
CA LYS B 45 0.19 10.82 -18.84
C LYS B 45 0.87 11.30 -17.56
N PRO B 46 2.19 11.20 -17.47
CA PRO B 46 2.89 11.52 -16.21
C PRO B 46 2.60 12.93 -15.72
N GLY B 47 2.36 13.06 -14.40
CA GLY B 47 2.19 14.37 -13.77
C GLY B 47 0.81 14.95 -13.92
N GLN B 48 -0.09 14.22 -14.57
CA GLN B 48 -1.43 14.70 -14.88
C GLN B 48 -2.50 13.84 -14.24
N PRO B 49 -3.71 14.40 -14.04
CA PRO B 49 -4.82 13.58 -13.79
C PRO B 49 -5.22 12.81 -15.04
N PRO B 50 -5.96 11.71 -14.85
CA PRO B 50 -6.52 10.99 -16.02
C PRO B 50 -7.41 11.91 -16.84
N LYS B 51 -7.53 11.59 -18.13
CA LYS B 51 -8.38 12.36 -19.02
C LYS B 51 -9.44 11.40 -19.58
N LEU B 52 -10.69 11.84 -19.53
CA LEU B 52 -11.77 11.01 -20.05
C LEU B 52 -11.75 10.95 -21.58
N LEU B 53 -11.81 9.74 -22.13
CA LEU B 53 -11.90 9.55 -23.57
C LEU B 53 -13.27 9.08 -24.00
N ILE B 54 -13.80 8.05 -23.32
CA ILE B 54 -15.01 7.30 -23.71
C ILE B 54 -15.83 7.05 -22.46
N TYR B 55 -17.15 7.26 -22.53
CA TYR B 55 -18.06 6.87 -21.46
C TYR B 55 -19.29 6.15 -21.99
N TRP B 56 -20.09 5.58 -21.07
CA TRP B 56 -21.25 4.76 -21.46
C TRP B 56 -20.81 3.73 -22.52
N ALA B 57 -19.59 3.20 -22.33
CA ALA B 57 -18.93 2.16 -23.13
C ALA B 57 -18.48 2.62 -24.52
N SER B 58 -19.28 3.47 -25.18
CA SER B 58 -19.01 3.79 -26.59
CA SER B 58 -19.00 3.79 -26.59
C SER B 58 -19.17 5.25 -26.99
N THR B 59 -19.49 6.16 -26.04
CA THR B 59 -19.72 7.56 -26.34
C THR B 59 -18.43 8.32 -26.17
N ARG B 60 -17.98 8.99 -27.21
CA ARG B 60 -16.69 9.68 -27.18
CA ARG B 60 -16.69 9.68 -27.18
C ARG B 60 -16.84 11.07 -26.55
N GLU B 61 -15.95 11.41 -25.62
CA GLU B 61 -15.95 12.74 -25.03
C GLU B 61 -15.63 13.82 -26.05
N SER B 62 -16.14 15.00 -25.77
CA SER B 62 -15.87 16.12 -26.65
CA SER B 62 -15.87 16.13 -26.64
CA SER B 62 -15.87 16.12 -26.65
C SER B 62 -14.37 16.31 -26.82
N GLY B 63 -13.97 16.63 -28.01
CA GLY B 63 -12.59 16.89 -28.36
C GLY B 63 -11.73 15.67 -28.55
N VAL B 64 -12.23 14.49 -28.24
CA VAL B 64 -11.39 13.29 -28.39
C VAL B 64 -11.38 12.87 -29.85
N PRO B 65 -10.20 12.63 -30.44
CA PRO B 65 -10.13 12.24 -31.85
C PRO B 65 -10.89 10.95 -32.14
N ASP B 66 -11.41 10.87 -33.37
CA ASP B 66 -12.28 9.73 -33.66
C ASP B 66 -11.49 8.45 -33.93
N ARG B 67 -10.16 8.52 -33.94
CA ARG B 67 -9.40 7.27 -33.95
C ARG B 67 -9.53 6.48 -32.65
N PHE B 68 -10.07 7.08 -31.59
CA PHE B 68 -10.42 6.36 -30.36
C PHE B 68 -11.87 5.90 -30.40
N SER B 69 -12.15 4.63 -30.15
CA SER B 69 -13.56 4.21 -30.06
C SER B 69 -13.68 3.15 -29.01
N GLY B 70 -14.84 3.07 -28.38
CA GLY B 70 -15.11 2.05 -27.40
C GLY B 70 -16.22 1.12 -27.85
N SER B 71 -16.07 -0.15 -27.53
CA SER B 71 -17.09 -1.13 -27.88
C SER B 71 -17.31 -2.07 -26.69
N GLY B 72 -18.41 -2.81 -26.76
CA GLY B 72 -18.71 -3.87 -25.82
C GLY B 72 -19.97 -3.58 -25.03
N SER B 73 -20.43 -4.63 -24.35
CA SER B 73 -21.63 -4.57 -23.55
C SER B 73 -21.50 -5.67 -22.49
N GLY B 74 -22.22 -5.48 -21.36
CA GLY B 74 -22.25 -6.52 -20.34
C GLY B 74 -20.97 -6.62 -19.52
N THR B 75 -20.13 -7.60 -19.81
CA THR B 75 -18.89 -7.73 -19.09
C THR B 75 -17.61 -7.62 -19.92
N ASP B 76 -17.69 -7.39 -21.23
CA ASP B 76 -16.52 -7.42 -22.09
CA ASP B 76 -16.50 -7.41 -22.08
C ASP B 76 -16.49 -6.13 -22.90
N PHE B 77 -15.42 -5.35 -22.76
CA PHE B 77 -15.30 -4.04 -23.41
C PHE B 77 -13.90 -3.92 -24.03
N THR B 78 -13.78 -2.99 -25.01
CA THR B 78 -12.58 -2.83 -25.79
C THR B 78 -12.42 -1.39 -26.16
N LEU B 79 -11.23 -0.86 -25.99
CA LEU B 79 -10.83 0.43 -26.49
C LEU B 79 -9.91 0.21 -27.70
N THR B 80 -10.24 0.83 -28.83
CA THR B 80 -9.45 0.66 -30.03
C THR B 80 -8.88 2.03 -30.34
N ILE B 81 -7.59 2.09 -30.66
CA ILE B 81 -6.96 3.24 -31.32
C ILE B 81 -6.70 2.78 -32.75
N SER B 82 -7.41 3.34 -33.72
CA SER B 82 -7.37 2.80 -35.07
C SER B 82 -6.00 2.98 -35.68
N SER B 83 -5.30 4.07 -35.32
CA SER B 83 -4.01 4.38 -35.90
C SER B 83 -3.25 5.14 -34.83
N LEU B 84 -2.18 4.56 -34.29
CA LEU B 84 -1.50 5.13 -33.14
C LEU B 84 -0.74 6.38 -33.56
N GLN B 85 -0.88 7.45 -32.79
CA GLN B 85 -0.13 8.66 -33.04
C GLN B 85 0.78 8.88 -31.83
N ALA B 86 1.83 9.68 -32.01
CA ALA B 86 2.83 9.84 -30.96
C ALA B 86 2.20 10.30 -29.66
N GLU B 87 1.17 11.17 -29.74
CA GLU B 87 0.58 11.77 -28.55
C GLU B 87 -0.33 10.79 -27.82
N ASP B 88 -0.45 9.57 -28.34
CA ASP B 88 -1.31 8.54 -27.74
C ASP B 88 -0.54 7.63 -26.78
N VAL B 89 0.76 7.84 -26.68
CA VAL B 89 1.55 7.07 -25.73
C VAL B 89 1.22 7.54 -24.32
N ALA B 90 0.80 6.61 -23.51
CA ALA B 90 0.19 6.88 -22.22
C ALA B 90 -0.28 5.57 -21.56
N VAL B 91 -0.83 5.70 -20.34
CA VAL B 91 -1.48 4.59 -19.64
C VAL B 91 -2.99 4.79 -19.73
N TYR B 92 -3.71 3.74 -20.12
CA TYR B 92 -5.15 3.71 -20.31
C TYR B 92 -5.76 2.87 -19.21
N TYR B 93 -6.88 3.32 -18.69
CA TYR B 93 -7.58 2.70 -17.59
C TYR B 93 -9.05 2.56 -18.00
N CYS B 94 -9.64 1.42 -17.74
CA CYS B 94 -11.10 1.31 -17.75
C CYS B 94 -11.65 1.53 -16.35
N LYS B 95 -12.92 1.94 -16.28
CA LYS B 95 -13.51 2.23 -14.97
C LYS B 95 -15.00 1.98 -15.02
N GLN B 96 -15.52 1.20 -14.07
CA GLN B 96 -16.96 1.05 -14.00
C GLN B 96 -17.60 1.99 -13.01
N SER B 97 -18.82 2.42 -13.35
CA SER B 97 -19.60 3.29 -12.48
C SER B 97 -21.03 2.78 -12.33
N TYR B 98 -21.24 1.48 -12.62
CA TYR B 98 -22.49 0.77 -12.35
C TYR B 98 -22.80 0.69 -10.86
N SER B 99 -21.83 0.32 -10.05
CA SER B 99 -22.01 0.24 -8.60
C SER B 99 -20.74 0.69 -7.88
N ARG B 100 -20.78 1.86 -7.24
CA ARG B 100 -19.58 2.54 -6.71
C ARG B 100 -18.64 2.80 -7.90
N ARG B 101 -17.34 2.75 -7.70
CA ARG B 101 -16.37 3.01 -8.75
C ARG B 101 -15.23 2.02 -8.55
N THR B 102 -14.83 1.38 -9.63
CA THR B 102 -13.59 0.59 -9.60
C THR B 102 -12.90 0.73 -10.96
N PHE B 103 -11.59 0.80 -10.89
CA PHE B 103 -10.71 0.98 -12.04
C PHE B 103 -9.98 -0.34 -12.33
N GLY B 104 -9.73 -0.60 -13.60
CA GLY B 104 -8.83 -1.67 -13.98
C GLY B 104 -7.41 -1.21 -13.68
N GLY B 105 -6.46 -2.15 -13.87
CA GLY B 105 -5.07 -1.96 -13.50
C GLY B 105 -4.24 -1.10 -14.43
N GLY B 106 -4.78 -0.72 -15.59
CA GLY B 106 -4.05 0.10 -16.53
C GLY B 106 -3.39 -0.73 -17.63
N THR B 107 -3.34 -0.15 -18.82
CA THR B 107 -2.54 -0.70 -19.89
C THR B 107 -1.59 0.38 -20.40
N LYS B 108 -0.30 0.06 -20.52
CA LYS B 108 0.67 1.05 -20.95
C LYS B 108 0.87 0.84 -22.45
N VAL B 109 0.67 1.89 -23.23
CA VAL B 109 0.83 1.86 -24.68
C VAL B 109 2.10 2.63 -25.05
N GLU B 110 2.97 1.95 -25.79
CA GLU B 110 4.25 2.49 -26.19
C GLU B 110 4.47 2.30 -27.68
N ILE B 111 5.49 2.95 -28.23
CA ILE B 111 5.89 2.79 -29.63
C ILE B 111 6.83 1.59 -29.75
N LYS B 112 6.49 0.67 -30.64
CA LYS B 112 7.41 -0.41 -30.95
C LYS B 112 8.53 0.12 -31.81
N ARG B 113 9.73 -0.39 -31.55
CA ARG B 113 10.87 -0.09 -32.43
C ARG B 113 11.81 -1.28 -32.47
N THR B 114 12.90 -1.14 -33.19
CA THR B 114 13.87 -2.23 -33.27
C THR B 114 14.65 -2.34 -31.97
N VAL B 115 15.18 -3.53 -31.72
CA VAL B 115 16.06 -3.71 -30.58
C VAL B 115 17.25 -2.77 -30.68
N ALA B 116 17.64 -2.18 -29.56
CA ALA B 116 18.78 -1.31 -29.46
C ALA B 116 19.56 -1.67 -28.19
N ALA B 117 20.81 -1.91 -28.31
CA ALA B 117 21.58 -2.23 -27.15
C ALA B 117 21.94 -0.95 -26.38
N PRO B 118 22.04 -1.02 -25.04
CA PRO B 118 22.46 0.15 -24.26
C PRO B 118 23.89 0.55 -24.53
N SER B 119 24.16 1.86 -24.36
CA SER B 119 25.52 2.34 -24.23
C SER B 119 25.74 2.49 -22.74
N VAL B 120 26.84 1.93 -22.22
CA VAL B 120 27.04 1.83 -20.77
C VAL B 120 28.15 2.77 -20.33
N PHE B 121 27.91 3.52 -19.25
CA PHE B 121 28.86 4.43 -18.68
C PHE B 121 28.96 4.28 -17.18
N ILE B 122 30.13 4.34 -16.62
CA ILE B 122 30.25 4.25 -15.16
C ILE B 122 30.89 5.54 -14.65
N PHE B 123 30.41 5.99 -13.49
CA PHE B 123 30.88 7.25 -12.83
C PHE B 123 31.34 6.98 -11.41
N PRO B 124 32.58 7.26 -11.09
CA PRO B 124 33.05 7.16 -9.71
C PRO B 124 32.40 8.23 -8.84
N PRO B 125 32.46 8.09 -7.53
CA PRO B 125 32.01 9.17 -6.66
C PRO B 125 32.78 10.45 -6.91
N SER B 126 32.11 11.57 -6.67
CA SER B 126 32.79 12.85 -6.73
C SER B 126 33.62 13.08 -5.48
N ASP B 127 34.67 13.89 -5.60
CA ASP B 127 35.46 14.28 -4.43
C ASP B 127 34.59 15.04 -3.43
N GLU B 128 33.63 15.83 -3.92
CA GLU B 128 32.75 16.57 -3.02
C GLU B 128 31.97 15.59 -2.11
N GLN B 129 31.39 14.56 -2.70
CA GLN B 129 30.62 13.61 -1.90
C GLN B 129 31.53 12.87 -0.92
N LEU B 130 32.70 12.43 -1.39
CA LEU B 130 33.55 11.67 -0.51
C LEU B 130 33.92 12.48 0.72
N LYS B 131 34.10 13.80 0.54
CA LYS B 131 34.41 14.65 1.69
C LYS B 131 33.40 14.49 2.81
N SER B 132 32.18 14.13 2.44
CA SER B 132 31.04 14.01 3.34
C SER B 132 30.87 12.62 3.91
N GLY B 133 31.70 11.64 3.54
CA GLY B 133 31.64 10.36 4.16
C GLY B 133 30.94 9.26 3.42
N THR B 134 30.45 9.52 2.22
CA THR B 134 29.66 8.56 1.50
C THR B 134 30.16 8.49 0.08
N ALA B 135 29.98 7.31 -0.55
CA ALA B 135 30.42 7.10 -1.93
C ALA B 135 29.28 6.52 -2.75
N SER B 136 28.79 7.27 -3.71
CA SER B 136 27.81 6.77 -4.66
C SER B 136 28.48 6.56 -6.01
N VAL B 137 28.36 5.36 -6.57
CA VAL B 137 28.90 4.99 -7.87
C VAL B 137 27.68 4.82 -8.78
N VAL B 138 27.71 5.43 -9.96
CA VAL B 138 26.55 5.42 -10.85
C VAL B 138 26.90 4.69 -12.14
N CYS B 139 25.99 3.83 -12.56
CA CYS B 139 26.05 3.14 -13.85
CA CYS B 139 26.07 3.15 -13.85
C CYS B 139 24.87 3.57 -14.69
N LEU B 140 25.15 4.07 -15.89
CA LEU B 140 24.11 4.53 -16.81
C LEU B 140 24.06 3.57 -17.99
N LEU B 141 22.87 3.15 -18.33
CA LEU B 141 22.52 2.35 -19.52
C LEU B 141 21.66 3.27 -20.37
N ASN B 142 22.17 3.69 -21.52
CA ASN B 142 21.55 4.77 -22.27
C ASN B 142 20.97 4.26 -23.58
N ASN B 143 19.71 4.63 -23.83
CA ASN B 143 19.05 4.52 -25.13
CA ASN B 143 19.07 4.53 -25.15
C ASN B 143 19.00 3.08 -25.65
N PHE B 144 18.28 2.27 -24.93
CA PHE B 144 18.08 0.87 -25.26
C PHE B 144 16.61 0.53 -25.47
N TYR B 145 16.40 -0.60 -26.12
CA TYR B 145 15.07 -1.13 -26.36
C TYR B 145 15.16 -2.63 -26.62
N PRO B 146 14.29 -3.47 -26.05
CA PRO B 146 13.21 -3.11 -25.12
C PRO B 146 13.60 -2.81 -23.66
N ARG B 147 12.61 -2.59 -22.81
CA ARG B 147 12.86 -2.02 -21.49
CA ARG B 147 12.86 -2.02 -21.49
C ARG B 147 13.65 -2.97 -20.60
N GLU B 148 13.51 -4.27 -20.80
CA GLU B 148 14.08 -5.26 -19.88
C GLU B 148 15.60 -5.20 -19.95
N ALA B 149 16.24 -4.96 -18.81
CA ALA B 149 17.68 -4.86 -18.76
C ALA B 149 18.14 -5.26 -17.37
N LYS B 150 19.37 -5.76 -17.25
CA LYS B 150 19.85 -6.20 -15.94
C LYS B 150 21.21 -5.57 -15.68
N VAL B 151 21.36 -5.00 -14.48
CA VAL B 151 22.62 -4.46 -14.00
C VAL B 151 23.08 -5.33 -12.83
N GLN B 152 24.35 -5.73 -12.85
CA GLN B 152 24.96 -6.46 -11.76
C GLN B 152 26.21 -5.70 -11.31
N TRP B 153 26.22 -5.20 -10.09
CA TRP B 153 27.42 -4.57 -9.57
C TRP B 153 28.41 -5.58 -9.02
N LYS B 154 29.70 -5.36 -9.30
CA LYS B 154 30.72 -6.23 -8.74
C LYS B 154 31.80 -5.36 -8.11
N VAL B 155 32.25 -5.72 -6.91
CA VAL B 155 33.30 -4.97 -6.22
C VAL B 155 34.39 -5.98 -5.91
N ASP B 156 35.56 -5.76 -6.47
CA ASP B 156 36.63 -6.76 -6.44
C ASP B 156 36.10 -8.13 -6.84
N ASN B 157 35.28 -8.13 -7.90
CA ASN B 157 34.69 -9.32 -8.54
C ASN B 157 33.64 -10.00 -7.66
N ALA B 158 33.35 -9.45 -6.48
CA ALA B 158 32.31 -10.00 -5.62
C ALA B 158 30.97 -9.42 -6.05
N LEU B 159 30.00 -10.27 -6.38
CA LEU B 159 28.69 -9.77 -6.79
C LEU B 159 28.04 -9.06 -5.64
N GLN B 160 27.44 -7.91 -5.90
CA GLN B 160 26.81 -7.09 -4.89
C GLN B 160 25.30 -7.25 -4.93
N SER B 161 24.64 -7.08 -3.76
CA SER B 161 23.18 -7.05 -3.73
C SER B 161 22.75 -6.23 -2.52
N GLY B 162 21.67 -5.49 -2.67
CA GLY B 162 21.04 -4.71 -1.60
C GLY B 162 21.59 -3.31 -1.41
N ASN B 163 22.79 -3.06 -1.88
CA ASN B 163 23.39 -1.75 -1.78
C ASN B 163 23.30 -0.95 -3.08
N SER B 164 22.38 -1.31 -3.98
CA SER B 164 22.11 -0.46 -5.14
C SER B 164 20.61 -0.33 -5.31
N GLN B 165 20.25 0.73 -6.01
CA GLN B 165 18.88 1.03 -6.39
C GLN B 165 18.92 1.61 -7.80
N GLU B 166 17.87 1.34 -8.57
CA GLU B 166 17.87 1.75 -9.97
C GLU B 166 16.51 2.30 -10.37
N SER B 167 16.48 3.07 -11.45
CA SER B 167 15.18 3.47 -11.99
C SER B 167 15.34 3.66 -13.49
N VAL B 168 14.21 3.69 -14.16
CA VAL B 168 14.20 3.68 -15.62
C VAL B 168 13.35 4.83 -16.11
N THR B 169 13.76 5.51 -17.20
CA THR B 169 12.92 6.54 -17.75
C THR B 169 11.73 5.91 -18.52
N GLU B 170 10.70 6.71 -18.73
CA GLU B 170 9.70 6.34 -19.70
C GLU B 170 10.28 6.46 -21.11
N GLN B 171 9.53 5.94 -22.08
CA GLN B 171 10.03 5.93 -23.43
C GLN B 171 10.33 7.32 -23.95
N ASP B 172 11.49 7.46 -24.59
CA ASP B 172 11.93 8.73 -25.12
C ASP B 172 11.05 9.13 -26.33
N SER B 173 10.54 10.36 -26.34
CA SER B 173 9.62 10.74 -27.40
C SER B 173 10.33 10.83 -28.74
N LYS B 174 11.65 10.99 -28.76
CA LYS B 174 12.29 11.14 -30.08
C LYS B 174 12.72 9.83 -30.72
N ASP B 175 13.32 8.93 -29.95
CA ASP B 175 13.85 7.69 -30.52
C ASP B 175 13.24 6.43 -29.93
N SER B 176 12.21 6.54 -29.11
CA SER B 176 11.46 5.42 -28.54
C SER B 176 12.29 4.46 -27.71
N THR B 177 13.41 4.94 -27.15
CA THR B 177 14.22 4.10 -26.28
C THR B 177 14.01 4.41 -24.81
N TYR B 178 14.63 3.59 -23.97
CA TYR B 178 14.66 3.72 -22.52
C TYR B 178 16.10 3.98 -22.10
N SER B 179 16.25 4.51 -20.89
CA SER B 179 17.54 4.57 -20.23
C SER B 179 17.34 4.16 -18.78
N LEU B 180 18.43 3.75 -18.19
CA LEU B 180 18.41 3.25 -16.82
C LEU B 180 19.65 3.75 -16.06
N SER B 181 19.38 4.22 -14.83
CA SER B 181 20.42 4.65 -13.91
CA SER B 181 20.42 4.67 -13.90
C SER B 181 20.39 3.77 -12.67
N SER B 182 21.57 3.24 -12.29
CA SER B 182 21.75 2.46 -11.08
C SER B 182 22.80 3.12 -10.18
N THR B 183 22.50 3.21 -8.88
CA THR B 183 23.44 3.82 -7.94
C THR B 183 23.81 2.79 -6.90
N LEU B 184 25.11 2.58 -6.74
CA LEU B 184 25.73 1.72 -5.73
C LEU B 184 26.23 2.65 -4.65
N THR B 185 25.75 2.44 -3.42
CA THR B 185 26.13 3.32 -2.30
C THR B 185 26.90 2.60 -1.22
N LEU B 186 28.04 3.15 -0.85
CA LEU B 186 28.92 2.63 0.18
C LEU B 186 29.33 3.77 1.10
N SER B 187 29.66 3.47 2.36
CA SER B 187 30.34 4.47 3.16
C SER B 187 31.72 4.68 2.56
N LYS B 188 32.32 5.83 2.88
CA LYS B 188 33.68 6.10 2.38
C LYS B 188 34.67 5.07 2.90
N ALA B 189 34.53 4.68 4.17
CA ALA B 189 35.44 3.70 4.74
C ALA B 189 35.38 2.40 3.97
N ASP B 190 34.16 1.95 3.67
CA ASP B 190 33.98 0.70 2.92
CA ASP B 190 33.99 0.70 2.93
C ASP B 190 34.48 0.85 1.50
N TYR B 191 34.20 2.02 0.89
CA TYR B 191 34.65 2.27 -0.48
C TYR B 191 36.16 2.15 -0.56
N GLU B 192 36.87 2.62 0.46
CA GLU B 192 38.33 2.57 0.43
C GLU B 192 38.88 1.18 0.78
N LYS B 193 38.03 0.23 1.15
CA LYS B 193 38.46 -1.15 1.35
C LYS B 193 38.57 -1.98 0.07
N HIS B 194 38.24 -1.40 -1.10
CA HIS B 194 38.22 -2.19 -2.34
C HIS B 194 38.78 -1.38 -3.49
N LYS B 195 39.18 -2.08 -4.52
CA LYS B 195 39.83 -1.44 -5.66
C LYS B 195 38.96 -1.41 -6.90
N VAL B 196 38.43 -2.55 -7.36
CA VAL B 196 37.79 -2.62 -8.67
C VAL B 196 36.27 -2.48 -8.49
N TYR B 197 35.68 -1.46 -9.16
CA TYR B 197 34.24 -1.19 -9.14
C TYR B 197 33.71 -1.35 -10.55
N ALA B 198 32.76 -2.26 -10.72
CA ALA B 198 32.32 -2.64 -12.04
C ALA B 198 30.82 -2.83 -12.08
N CYS B 199 30.22 -2.48 -13.21
CA CYS B 199 28.80 -2.65 -13.52
CA CYS B 199 28.80 -2.73 -13.47
C CYS B 199 28.71 -3.56 -14.76
N GLU B 200 28.05 -4.70 -14.63
CA GLU B 200 27.86 -5.66 -15.70
C GLU B 200 26.42 -5.58 -16.16
N VAL B 201 26.25 -5.45 -17.47
CA VAL B 201 24.96 -5.16 -18.09
C VAL B 201 24.58 -6.25 -19.07
N THR B 202 23.38 -6.79 -18.88
CA THR B 202 22.81 -7.84 -19.72
C THR B 202 21.59 -7.26 -20.39
N HIS B 203 21.48 -7.49 -21.70
CA HIS B 203 20.40 -6.90 -22.49
C HIS B 203 20.31 -7.70 -23.79
N GLN B 204 19.09 -7.87 -24.28
CA GLN B 204 18.83 -8.62 -25.51
C GLN B 204 19.65 -8.11 -26.71
N GLY B 205 19.91 -6.80 -26.78
CA GLY B 205 20.72 -6.27 -27.86
C GLY B 205 22.19 -6.59 -27.74
N LEU B 206 22.64 -7.10 -26.59
CA LEU B 206 24.03 -7.50 -26.40
C LEU B 206 24.15 -9.02 -26.51
N SER B 207 25.06 -9.46 -27.36
CA SER B 207 25.26 -10.89 -27.53
C SER B 207 25.92 -11.49 -26.30
N SER B 208 26.65 -10.69 -25.53
CA SER B 208 27.18 -11.12 -24.24
C SER B 208 27.20 -9.90 -23.33
N PRO B 209 27.14 -10.10 -22.01
CA PRO B 209 27.12 -8.96 -21.09
C PRO B 209 28.34 -8.07 -21.27
N VAL B 210 28.10 -6.77 -21.11
CA VAL B 210 29.16 -5.77 -21.20
C VAL B 210 29.45 -5.27 -19.80
N THR B 211 30.76 -5.16 -19.46
CA THR B 211 31.14 -4.60 -18.16
C THR B 211 31.92 -3.32 -18.36
N LYS B 212 31.57 -2.30 -17.59
CA LYS B 212 32.38 -1.10 -17.43
C LYS B 212 32.92 -1.04 -16.01
N SER B 213 34.17 -0.64 -15.86
CA SER B 213 34.76 -0.70 -14.55
C SER B 213 35.77 0.42 -14.42
N PHE B 214 36.16 0.68 -13.16
CA PHE B 214 37.29 1.57 -12.86
C PHE B 214 37.99 1.08 -11.60
N ASN B 215 39.23 1.53 -11.41
CA ASN B 215 39.98 1.30 -10.19
CA ASN B 215 39.98 1.30 -10.19
C ASN B 215 39.97 2.57 -9.36
N ARG B 216 39.57 2.47 -8.11
CA ARG B 216 39.43 3.62 -7.22
C ARG B 216 40.68 4.53 -7.14
N VAL C 2 11.46 -29.46 14.73
CA VAL C 2 11.99 -28.24 14.20
C VAL C 2 11.18 -27.08 14.76
N GLN C 3 11.87 -26.04 15.21
CA GLN C 3 11.17 -24.86 15.65
CA GLN C 3 11.19 -24.87 15.72
C GLN C 3 12.12 -23.66 15.63
N LEU C 4 11.50 -22.50 15.51
CA LEU C 4 12.19 -21.22 15.50
C LEU C 4 11.46 -20.38 16.54
N VAL C 5 12.17 -19.99 17.58
CA VAL C 5 11.57 -19.30 18.71
C VAL C 5 12.22 -17.92 18.79
N GLN C 6 11.40 -16.89 18.71
CA GLN C 6 11.89 -15.53 18.72
C GLN C 6 11.75 -14.92 20.11
N SER C 7 12.52 -13.85 20.33
CA SER C 7 12.46 -13.08 21.56
C SER C 7 11.16 -12.32 21.64
N GLY C 8 10.90 -11.73 22.86
CA GLY C 8 9.61 -11.15 23.13
C GLY C 8 9.44 -9.74 22.57
N ALA C 9 8.21 -9.24 22.68
CA ALA C 9 7.86 -7.93 22.14
C ALA C 9 8.79 -6.84 22.69
N GLU C 10 8.94 -5.80 21.89
CA GLU C 10 9.81 -4.67 22.20
C GLU C 10 9.05 -3.38 22.01
N VAL C 11 9.43 -2.39 22.80
CA VAL C 11 8.93 -1.03 22.68
C VAL C 11 10.12 -0.12 22.65
N LYS C 12 10.15 0.75 21.65
CA LYS C 12 11.32 1.52 21.35
C LYS C 12 10.91 2.95 21.03
N LYS C 13 11.79 3.90 21.40
CA LYS C 13 11.61 5.27 21.00
C LYS C 13 12.19 5.48 19.60
N PRO C 14 11.72 6.51 18.89
CA PRO C 14 12.32 6.83 17.59
C PRO C 14 13.78 7.15 17.77
N GLY C 15 14.58 6.66 16.89
CA GLY C 15 16.00 6.80 16.94
C GLY C 15 16.74 5.68 17.59
N ALA C 16 16.07 4.87 18.33
CA ALA C 16 16.68 3.74 19.00
C ALA C 16 16.91 2.60 18.04
N SER C 17 17.52 1.53 18.54
CA SER C 17 17.75 0.29 17.82
C SER C 17 17.06 -0.85 18.54
N VAL C 18 16.82 -1.92 17.82
CA VAL C 18 16.22 -3.13 18.33
C VAL C 18 16.95 -4.35 17.75
N LYS C 19 17.16 -5.35 18.60
CA LYS C 19 17.75 -6.59 18.15
C LYS C 19 16.85 -7.74 18.56
N VAL C 20 16.35 -8.47 17.58
CA VAL C 20 15.43 -9.59 17.73
C VAL C 20 16.22 -10.86 17.49
N SER C 21 16.01 -11.88 18.34
CA SER C 21 16.67 -13.17 18.19
C SER C 21 15.70 -14.23 17.65
N CYS C 22 16.30 -15.28 17.08
CA CYS C 22 15.56 -16.37 16.42
C CYS C 22 16.37 -17.64 16.67
N LYS C 23 15.98 -18.37 17.71
CA LYS C 23 16.67 -19.59 18.14
C LYS C 23 16.13 -20.77 17.35
N ALA C 24 17.03 -21.47 16.64
CA ALA C 24 16.65 -22.59 15.82
C ALA C 24 16.97 -23.90 16.55
N SER C 25 16.05 -24.85 16.51
CA SER C 25 16.36 -26.15 17.11
C SER C 25 15.70 -27.28 16.30
N GLY C 26 16.34 -28.47 16.35
CA GLY C 26 15.76 -29.60 15.69
C GLY C 26 16.16 -29.84 14.25
N PHE C 27 17.11 -29.08 13.73
CA PHE C 27 17.73 -29.36 12.45
C PHE C 27 19.15 -28.82 12.44
N ASN C 28 19.89 -29.15 11.37
CA ASN C 28 21.26 -28.66 11.22
C ASN C 28 21.18 -27.31 10.50
N ILE C 29 21.33 -26.22 11.24
CA ILE C 29 21.16 -24.90 10.63
C ILE C 29 22.17 -24.65 9.53
N LYS C 30 23.29 -25.34 9.55
CA LYS C 30 24.33 -25.07 8.56
C LYS C 30 23.87 -25.34 7.14
N ASP C 31 22.79 -26.09 6.96
CA ASP C 31 22.27 -26.39 5.64
C ASP C 31 21.24 -25.35 5.19
N TYR C 32 21.01 -24.30 5.97
CA TYR C 32 19.86 -23.45 5.74
C TYR C 32 20.29 -22.00 5.69
N TYR C 33 19.37 -21.17 5.15
CA TYR C 33 19.40 -19.72 5.24
C TYR C 33 18.32 -19.32 6.22
N MET C 34 18.54 -18.24 6.96
CA MET C 34 17.50 -17.67 7.81
C MET C 34 17.13 -16.33 7.19
N HIS C 35 15.89 -16.13 6.92
CA HIS C 35 15.39 -14.89 6.37
C HIS C 35 14.62 -14.14 7.45
N TRP C 36 14.53 -12.84 7.28
CA TRP C 36 13.73 -11.96 8.11
C TRP C 36 12.71 -11.24 7.24
N VAL C 37 11.48 -11.25 7.71
CA VAL C 37 10.32 -10.77 6.98
C VAL C 37 9.51 -9.98 7.97
N ARG C 38 9.05 -8.81 7.60
CA ARG C 38 8.21 -8.06 8.52
C ARG C 38 6.82 -7.79 7.96
N GLN C 39 5.96 -7.35 8.85
CA GLN C 39 4.56 -7.08 8.52
C GLN C 39 4.02 -5.97 9.40
N ALA C 40 3.87 -4.81 8.83
CA ALA C 40 3.26 -3.71 9.54
C ALA C 40 1.78 -3.96 9.74
N PRO C 41 1.18 -3.31 10.73
CA PRO C 41 -0.24 -3.59 11.05
C PRO C 41 -1.12 -3.40 9.84
N GLY C 42 -1.78 -4.50 9.46
CA GLY C 42 -2.73 -4.46 8.38
C GLY C 42 -2.16 -4.53 7.00
N GLN C 43 -0.87 -4.69 6.85
CA GLN C 43 -0.16 -4.63 5.57
C GLN C 43 0.39 -5.99 5.16
N ARG C 44 0.98 -6.02 3.96
CA ARG C 44 1.53 -7.28 3.44
C ARG C 44 2.92 -7.56 4.06
N LEU C 45 3.34 -8.81 3.92
CA LEU C 45 4.66 -9.24 4.35
C LEU C 45 5.72 -8.59 3.47
N GLU C 46 6.82 -8.17 4.07
CA GLU C 46 7.90 -7.52 3.35
C GLU C 46 9.19 -8.21 3.73
N TRP C 47 9.94 -8.67 2.73
CA TRP C 47 11.24 -9.30 2.99
C TRP C 47 12.29 -8.27 3.32
N MET C 48 13.14 -8.57 4.32
CA MET C 48 14.20 -7.68 4.71
C MET C 48 15.58 -8.14 4.31
N GLY C 49 15.82 -9.43 4.37
CA GLY C 49 17.14 -9.93 4.05
C GLY C 49 17.24 -11.38 4.46
N TRP C 50 18.42 -11.96 4.19
CA TRP C 50 18.74 -13.30 4.62
C TRP C 50 20.19 -13.40 5.07
N ILE C 51 20.48 -14.47 5.81
CA ILE C 51 21.86 -14.81 6.15
C ILE C 51 22.05 -16.29 5.85
N ASP C 52 23.16 -16.63 5.22
CA ASP C 52 23.60 -18.01 5.06
C ASP C 52 24.11 -18.49 6.42
N LEU C 53 23.42 -19.45 7.02
CA LEU C 53 23.72 -19.86 8.38
C LEU C 53 25.03 -20.64 8.47
N GLU C 54 25.61 -21.06 7.35
CA GLU C 54 26.95 -21.66 7.43
C GLU C 54 28.05 -20.60 7.55
N ASN C 55 28.15 -19.72 6.52
CA ASN C 55 29.26 -18.79 6.40
C ASN C 55 28.89 -17.36 6.79
N ALA C 56 27.65 -17.13 7.19
CA ALA C 56 27.18 -15.83 7.67
C ALA C 56 27.10 -14.77 6.57
N ASN C 57 27.18 -15.18 5.30
CA ASN C 57 27.01 -14.21 4.21
C ASN C 57 25.61 -13.62 4.24
N THR C 58 25.49 -12.31 4.14
CA THR C 58 24.19 -11.66 4.19
C THR C 58 23.83 -10.99 2.85
N ILE C 59 22.52 -10.93 2.58
CA ILE C 59 21.91 -10.14 1.51
C ILE C 59 20.73 -9.40 2.14
N TYR C 60 20.74 -8.07 2.00
CA TYR C 60 19.65 -7.24 2.49
C TYR C 60 18.83 -6.64 1.36
N ASP C 61 17.57 -6.38 1.62
CA ASP C 61 16.79 -5.56 0.70
C ASP C 61 17.27 -4.10 0.77
N ALA C 62 17.31 -3.43 -0.39
CA ALA C 62 17.77 -2.04 -0.46
C ALA C 62 17.00 -1.10 0.45
N LYS C 63 15.74 -1.47 0.75
CA LYS C 63 14.94 -0.62 1.61
C LYS C 63 15.47 -0.55 3.02
N PHE C 64 16.26 -1.56 3.45
CA PHE C 64 16.79 -1.60 4.79
C PHE C 64 18.29 -1.54 4.85
N GLN C 65 18.96 -1.64 3.73
CA GLN C 65 20.39 -1.46 3.67
C GLN C 65 20.84 -0.20 4.36
N GLY C 66 21.84 -0.34 5.22
CA GLY C 66 22.35 0.73 5.99
C GLY C 66 21.71 0.90 7.36
N ARG C 67 20.63 0.18 7.65
CA ARG C 67 19.91 0.24 8.93
C ARG C 67 19.79 -1.13 9.56
N VAL C 68 20.03 -2.21 8.82
CA VAL C 68 19.72 -3.57 9.29
C VAL C 68 21.03 -4.36 9.32
N THR C 69 21.14 -5.23 10.29
CA THR C 69 22.29 -6.14 10.39
C THR C 69 21.71 -7.47 10.78
N ILE C 70 21.97 -8.52 10.01
CA ILE C 70 21.58 -9.89 10.32
C ILE C 70 22.86 -10.65 10.63
N THR C 71 22.88 -11.34 11.76
CA THR C 71 24.03 -12.09 12.23
C THR C 71 23.56 -13.47 12.66
N ARG C 72 24.51 -14.37 12.87
CA ARG C 72 24.16 -15.70 13.39
C ARG C 72 25.25 -16.19 14.30
N ASP C 73 24.83 -16.86 15.40
CA ASP C 73 25.74 -17.47 16.39
C ASP C 73 25.59 -18.99 16.30
N THR C 74 26.59 -19.66 15.73
CA THR C 74 26.48 -21.10 15.48
C THR C 74 26.37 -21.87 16.79
N SER C 75 27.15 -21.47 17.81
CA SER C 75 27.14 -22.19 19.08
C SER C 75 25.84 -21.99 19.84
N ALA C 76 25.16 -20.89 19.62
CA ALA C 76 23.84 -20.69 20.21
C ALA C 76 22.71 -21.11 19.28
N SER C 77 23.03 -21.60 18.07
CA SER C 77 22.01 -21.94 17.08
C SER C 77 20.97 -20.85 16.94
N THR C 78 21.43 -19.60 16.88
CA THR C 78 20.49 -18.46 16.87
C THR C 78 20.87 -17.41 15.83
N ALA C 79 19.89 -16.82 15.19
CA ALA C 79 20.12 -15.74 14.26
C ALA C 79 19.52 -14.47 14.86
N TYR C 80 20.00 -13.33 14.40
CA TYR C 80 19.62 -12.06 14.98
C TYR C 80 19.40 -11.05 13.88
N MET C 81 18.45 -10.15 14.08
CA MET C 81 18.18 -9.02 13.21
C MET C 81 18.21 -7.76 14.05
N GLU C 82 19.11 -6.84 13.72
CA GLU C 82 19.21 -5.58 14.44
C GLU C 82 18.81 -4.46 13.48
N LEU C 83 17.85 -3.65 13.87
CA LEU C 83 17.39 -2.55 13.01
C LEU C 83 17.62 -1.26 13.79
N SER C 84 18.30 -0.33 13.17
CA SER C 84 18.68 0.91 13.81
C SER C 84 17.92 2.09 13.24
N SER C 85 18.14 3.25 13.91
CA SER C 85 17.45 4.51 13.56
C SER C 85 15.94 4.31 13.41
N LEU C 86 15.38 3.60 14.38
CA LEU C 86 13.97 3.22 14.28
C LEU C 86 13.12 4.46 14.11
N ARG C 87 12.00 4.29 13.38
CA ARG C 87 10.99 5.32 13.20
C ARG C 87 9.61 4.67 13.22
N SER C 88 8.59 5.53 13.35
CA SER C 88 7.22 5.06 13.54
C SER C 88 6.84 3.97 12.53
N GLU C 89 7.31 4.13 11.27
CA GLU C 89 7.01 3.20 10.18
C GLU C 89 7.55 1.80 10.38
N ASP C 90 8.50 1.61 11.29
CA ASP C 90 9.08 0.33 11.63
C ASP C 90 8.22 -0.43 12.60
N THR C 91 7.12 0.14 13.07
CA THR C 91 6.20 -0.62 13.91
C THR C 91 5.62 -1.79 13.09
N ALA C 92 5.87 -3.01 13.56
CA ALA C 92 5.59 -4.19 12.75
C ALA C 92 5.83 -5.44 13.56
N VAL C 93 5.29 -6.56 13.08
CA VAL C 93 5.70 -7.89 13.55
C VAL C 93 6.85 -8.37 12.67
N TYR C 94 7.97 -8.71 13.28
CA TYR C 94 9.15 -9.24 12.58
C TYR C 94 9.21 -10.75 12.71
N TYR C 95 9.41 -11.46 11.63
CA TYR C 95 9.42 -12.92 11.59
C TYR C 95 10.76 -13.35 11.07
N CYS C 96 11.27 -14.44 11.62
CA CYS C 96 12.33 -15.21 10.97
C CYS C 96 11.71 -16.42 10.28
N ALA C 97 12.34 -16.91 9.23
CA ALA C 97 11.85 -18.09 8.52
C ALA C 97 13.03 -18.75 7.86
N ARG C 98 13.06 -20.07 7.82
CA ARG C 98 14.16 -20.75 7.15
C ARG C 98 13.85 -21.04 5.65
N ASP C 99 14.91 -21.25 4.87
CA ASP C 99 14.86 -21.64 3.48
C ASP C 99 16.21 -22.29 3.20
N ALA C 100 16.34 -22.85 2.02
CA ALA C 100 17.60 -23.49 1.65
C ALA C 100 17.68 -23.62 0.14
N TYR C 101 18.91 -23.84 -0.33
CA TYR C 101 19.10 -24.17 -1.74
C TYR C 101 18.22 -25.35 -2.12
N GLY C 102 17.60 -25.26 -3.32
CA GLY C 102 16.69 -26.24 -3.82
C GLY C 102 15.27 -26.18 -3.29
N ARG C 103 15.00 -25.38 -2.25
CA ARG C 103 13.62 -25.25 -1.74
C ARG C 103 12.96 -23.97 -2.25
N TYR C 104 13.38 -22.81 -1.75
CA TYR C 104 12.80 -21.53 -2.15
C TYR C 104 11.36 -21.42 -1.68
N PHE C 105 11.12 -21.90 -0.48
CA PHE C 105 9.86 -21.72 0.21
C PHE C 105 10.15 -21.67 1.70
N TYR C 106 9.23 -21.04 2.43
CA TYR C 106 9.34 -20.89 3.88
C TYR C 106 8.45 -21.90 4.59
N ASP C 107 9.02 -23.05 4.91
CA ASP C 107 8.18 -24.05 5.54
C ASP C 107 8.05 -23.88 7.05
N VAL C 108 9.01 -23.22 7.67
CA VAL C 108 9.00 -23.05 9.12
C VAL C 108 9.26 -21.61 9.45
N TRP C 109 8.42 -21.06 10.31
CA TRP C 109 8.48 -19.67 10.71
C TRP C 109 8.59 -19.54 12.24
N GLY C 110 9.23 -18.44 12.69
CA GLY C 110 9.12 -18.08 14.09
C GLY C 110 7.76 -17.53 14.40
N GLN C 111 7.50 -17.27 15.69
CA GLN C 111 6.14 -16.92 16.06
C GLN C 111 5.86 -15.44 15.81
N GLY C 112 6.86 -14.68 15.45
CA GLY C 112 6.73 -13.24 15.32
C GLY C 112 7.17 -12.52 16.56
N THR C 113 7.70 -11.30 16.34
CA THR C 113 8.09 -10.39 17.41
C THR C 113 7.53 -9.00 17.11
N LEU C 114 6.61 -8.50 17.96
CA LEU C 114 6.08 -7.17 17.79
C LEU C 114 7.12 -6.16 18.29
N VAL C 115 7.43 -5.19 17.41
CA VAL C 115 8.22 -4.02 17.77
C VAL C 115 7.37 -2.78 17.57
N THR C 116 7.06 -2.08 18.66
CA THR C 116 6.34 -0.80 18.59
C THR C 116 7.35 0.33 18.75
N VAL C 117 7.33 1.26 17.80
CA VAL C 117 8.16 2.46 17.82
C VAL C 117 7.24 3.65 17.99
N SER C 118 7.41 4.35 19.11
CA SER C 118 6.53 5.45 19.45
C SER C 118 7.23 6.29 20.49
N SER C 119 6.96 7.61 20.46
CA SER C 119 7.34 8.51 21.54
C SER C 119 6.56 8.25 22.82
N ALA C 120 5.44 7.53 22.74
CA ALA C 120 4.65 7.26 23.93
C ALA C 120 5.47 6.46 24.95
N SER C 121 5.03 6.55 26.19
CA SER C 121 5.60 5.76 27.27
C SER C 121 4.58 4.74 27.73
N THR C 122 5.11 3.55 28.05
CA THR C 122 4.30 2.46 28.59
C THR C 122 3.38 2.96 29.68
N LYS C 123 2.08 2.67 29.54
CA LYS C 123 1.06 3.16 30.45
C LYS C 123 -0.15 2.20 30.50
N GLY C 124 -0.76 2.08 31.66
CA GLY C 124 -1.84 1.13 31.81
C GLY C 124 -3.18 1.77 31.60
N PRO C 125 -4.17 0.97 31.19
CA PRO C 125 -5.47 1.55 30.85
C PRO C 125 -6.33 1.92 32.04
N SER C 126 -7.17 2.89 31.83
CA SER C 126 -8.37 3.06 32.64
C SER C 126 -9.50 2.18 32.10
N VAL C 127 -10.32 1.61 32.97
CA VAL C 127 -11.37 0.72 32.56
C VAL C 127 -12.71 1.28 33.04
N PHE C 128 -13.62 1.50 32.09
CA PHE C 128 -14.92 2.11 32.39
C PHE C 128 -16.04 1.18 31.98
N PRO C 129 -17.11 1.12 32.73
CA PRO C 129 -18.23 0.26 32.36
C PRO C 129 -18.99 0.81 31.17
N LEU C 130 -19.53 -0.11 30.37
CA LEU C 130 -20.53 0.15 29.34
C LEU C 130 -21.78 -0.53 29.92
N ALA C 131 -22.58 0.24 30.69
CA ALA C 131 -23.64 -0.36 31.48
C ALA C 131 -24.82 -0.74 30.59
N PRO C 132 -25.53 -1.83 30.90
CA PRO C 132 -26.63 -2.22 30.02
C PRO C 132 -27.79 -1.18 29.93
N GLY C 140 -35.47 -8.51 24.93
CA GLY C 140 -35.07 -9.79 25.48
C GLY C 140 -33.57 -9.94 25.73
N THR C 141 -32.76 -9.31 24.89
CA THR C 141 -31.30 -9.39 24.99
C THR C 141 -30.73 -8.04 25.37
N ALA C 142 -29.81 -8.02 26.34
CA ALA C 142 -29.12 -6.80 26.75
C ALA C 142 -27.65 -6.86 26.34
N ALA C 143 -27.07 -5.70 26.04
CA ALA C 143 -25.64 -5.56 25.78
C ALA C 143 -24.97 -4.78 26.90
N LEU C 144 -23.77 -5.22 27.28
CA LEU C 144 -22.98 -4.49 28.25
C LEU C 144 -21.54 -4.74 27.90
N GLY C 145 -20.66 -3.97 28.52
CA GLY C 145 -19.27 -4.11 28.17
C GLY C 145 -18.37 -3.29 29.07
N CYS C 146 -17.09 -3.25 28.68
CA CYS C 146 -16.08 -2.41 29.30
CA CYS C 146 -16.13 -2.36 29.31
C CYS C 146 -15.29 -1.68 28.23
N LEU C 147 -14.93 -0.43 28.53
CA LEU C 147 -14.07 0.37 27.66
C LEU C 147 -12.68 0.44 28.29
N VAL C 148 -11.67 0.02 27.56
CA VAL C 148 -10.32 -0.09 28.06
C VAL C 148 -9.56 1.00 27.34
N LYS C 149 -9.32 2.09 28.04
CA LYS C 149 -8.95 3.36 27.41
C LYS C 149 -7.57 3.82 27.84
N ASP C 150 -6.83 4.35 26.86
CA ASP C 150 -5.59 5.06 27.11
C ASP C 150 -4.50 4.18 27.69
N TYR C 151 -4.06 3.15 26.97
CA TYR C 151 -2.91 2.33 27.35
C TYR C 151 -1.86 2.30 26.22
N PHE C 152 -0.68 1.85 26.59
CA PHE C 152 0.44 1.73 25.65
C PHE C 152 1.49 0.78 26.25
N PRO C 153 2.09 -0.12 25.45
CA PRO C 153 1.77 -0.46 24.07
C PRO C 153 0.71 -1.54 24.03
N GLU C 154 0.41 -2.03 22.84
CA GLU C 154 -0.35 -3.25 22.70
C GLU C 154 0.46 -4.42 23.26
N PRO C 155 -0.21 -5.49 23.73
CA PRO C 155 -1.66 -5.74 23.80
C PRO C 155 -2.30 -5.70 25.19
N VAL C 156 -3.64 -5.75 25.20
CA VAL C 156 -4.39 -6.03 26.43
C VAL C 156 -5.24 -7.26 26.19
N THR C 157 -5.56 -7.97 27.26
CA THR C 157 -6.48 -9.10 27.19
C THR C 157 -7.71 -8.73 28.00
N VAL C 158 -8.86 -9.24 27.58
CA VAL C 158 -10.11 -9.06 28.29
C VAL C 158 -10.78 -10.44 28.38
N SER C 159 -11.21 -10.79 29.56
CA SER C 159 -12.09 -11.93 29.73
C SER C 159 -13.29 -11.44 30.51
N TRP C 160 -14.32 -12.30 30.54
CA TRP C 160 -15.54 -12.03 31.32
C TRP C 160 -15.80 -13.14 32.30
N ASN C 161 -16.08 -12.74 33.55
CA ASN C 161 -16.28 -13.68 34.62
C ASN C 161 -15.14 -14.70 34.70
N SER C 162 -13.91 -14.20 34.55
CA SER C 162 -12.67 -14.96 34.61
C SER C 162 -12.65 -16.08 33.57
N GLY C 163 -13.37 -15.89 32.49
CA GLY C 163 -13.40 -16.83 31.40
C GLY C 163 -14.57 -17.78 31.41
N ALA C 164 -15.42 -17.70 32.44
CA ALA C 164 -16.61 -18.52 32.41
C ALA C 164 -17.64 -18.05 31.39
N LEU C 165 -17.63 -16.78 31.05
CA LEU C 165 -18.58 -16.19 30.10
C LEU C 165 -17.87 -15.92 28.76
N THR C 166 -18.18 -16.77 27.77
CA THR C 166 -17.58 -16.62 26.45
C THR C 166 -18.59 -16.44 25.34
N SER C 167 -19.77 -17.04 25.47
CA SER C 167 -20.82 -16.89 24.48
C SER C 167 -21.26 -15.43 24.37
N GLY C 168 -21.29 -14.92 23.14
CA GLY C 168 -21.74 -13.55 22.89
C GLY C 168 -20.75 -12.47 23.20
N VAL C 169 -19.51 -12.83 23.61
CA VAL C 169 -18.48 -11.84 23.83
C VAL C 169 -17.86 -11.40 22.51
N HIS C 170 -17.66 -10.09 22.37
CA HIS C 170 -16.87 -9.51 21.27
C HIS C 170 -15.84 -8.57 21.87
N THR C 171 -14.56 -8.87 21.71
CA THR C 171 -13.50 -7.97 22.14
C THR C 171 -12.89 -7.34 20.88
N PHE C 172 -13.09 -6.02 20.72
CA PHE C 172 -12.73 -5.41 19.45
C PHE C 172 -11.23 -5.16 19.32
N PRO C 173 -10.73 -5.04 18.08
CA PRO C 173 -9.34 -4.54 17.90
C PRO C 173 -9.17 -3.13 18.46
N ALA C 174 -8.02 -2.89 19.07
CA ALA C 174 -7.72 -1.57 19.59
C ALA C 174 -7.58 -0.58 18.45
N VAL C 175 -7.90 0.66 18.74
CA VAL C 175 -7.60 1.77 17.85
C VAL C 175 -6.54 2.63 18.50
N LEU C 176 -5.69 3.21 17.68
CA LEU C 176 -4.64 4.11 18.14
C LEU C 176 -5.17 5.53 18.09
N GLN C 177 -5.18 6.19 19.22
CA GLN C 177 -5.73 7.52 19.35
C GLN C 177 -4.67 8.54 19.00
N SER C 178 -5.12 9.74 18.67
CA SER C 178 -4.16 10.80 18.32
C SER C 178 -3.20 11.09 19.46
N SER C 179 -3.57 10.77 20.72
CA SER C 179 -2.61 10.93 21.81
C SER C 179 -1.47 9.93 21.72
N GLY C 180 -1.56 8.91 20.86
CA GLY C 180 -0.59 7.87 20.86
C GLY C 180 -0.88 6.76 21.84
N LEU C 181 -2.04 6.77 22.47
CA LEU C 181 -2.50 5.70 23.33
C LEU C 181 -3.61 4.91 22.67
N TYR C 182 -3.67 3.65 22.99
CA TYR C 182 -4.65 2.73 22.45
C TYR C 182 -5.92 2.74 23.30
N SER C 183 -7.02 2.35 22.70
CA SER C 183 -8.28 2.17 23.37
C SER C 183 -9.01 1.02 22.69
N LEU C 184 -9.68 0.22 23.48
CA LEU C 184 -10.57 -0.79 22.91
C LEU C 184 -11.75 -1.00 23.83
N SER C 185 -12.75 -1.71 23.28
CA SER C 185 -13.93 -2.08 24.03
C SER C 185 -14.13 -3.58 23.92
N SER C 186 -14.78 -4.13 24.95
CA SER C 186 -15.22 -5.51 24.99
C SER C 186 -16.67 -5.51 25.42
N VAL C 187 -17.51 -6.23 24.70
CA VAL C 187 -18.94 -6.24 24.97
C VAL C 187 -19.39 -7.70 25.04
N VAL C 188 -20.59 -7.91 25.61
CA VAL C 188 -21.22 -9.22 25.63
C VAL C 188 -22.72 -8.97 25.65
N THR C 189 -23.46 -9.84 24.96
CA THR C 189 -24.92 -9.82 25.03
C THR C 189 -25.39 -10.95 25.93
N VAL C 190 -26.37 -10.65 26.78
CA VAL C 190 -26.87 -11.58 27.77
C VAL C 190 -28.35 -11.47 27.83
N PRO C 191 -29.04 -12.45 28.35
CA PRO C 191 -30.47 -12.30 28.64
C PRO C 191 -30.70 -11.14 29.58
N SER C 192 -31.59 -10.24 29.17
CA SER C 192 -31.88 -9.06 30.00
C SER C 192 -32.46 -9.42 31.36
N SER C 193 -33.17 -10.54 31.47
CA SER C 193 -33.71 -10.94 32.77
C SER C 193 -32.59 -11.21 33.77
N SER C 194 -31.40 -11.60 33.29
CA SER C 194 -30.29 -11.97 34.17
C SER C 194 -29.58 -10.75 34.77
N LEU C 195 -29.95 -9.53 34.37
CA LEU C 195 -29.23 -8.36 34.84
C LEU C 195 -29.40 -8.13 36.34
N GLY C 196 -30.46 -8.64 36.95
CA GLY C 196 -30.63 -8.46 38.37
C GLY C 196 -30.03 -9.52 39.26
N THR C 197 -29.50 -10.61 38.70
CA THR C 197 -29.08 -11.74 39.53
C THR C 197 -27.68 -12.22 39.16
N GLN C 198 -27.32 -12.11 37.89
CA GLN C 198 -26.02 -12.53 37.38
C GLN C 198 -25.06 -11.36 37.37
N THR C 199 -23.94 -11.51 38.09
CA THR C 199 -22.91 -10.49 38.10
C THR C 199 -22.03 -10.63 36.88
N TYR C 200 -21.63 -9.52 36.32
CA TYR C 200 -20.77 -9.51 35.12
C TYR C 200 -19.53 -8.67 35.43
N ILE C 201 -18.37 -9.31 35.34
CA ILE C 201 -17.09 -8.66 35.62
C ILE C 201 -16.20 -8.83 34.39
N CYS C 202 -15.68 -7.73 33.87
CA CYS C 202 -14.65 -7.78 32.84
CA CYS C 202 -14.66 -7.78 32.84
C CYS C 202 -13.29 -7.77 33.53
N ASN C 203 -12.44 -8.73 33.17
CA ASN C 203 -11.09 -8.84 33.72
C ASN C 203 -10.11 -8.36 32.66
N VAL C 204 -9.43 -7.26 32.94
CA VAL C 204 -8.57 -6.58 31.98
C VAL C 204 -7.14 -6.70 32.46
N ASN C 205 -6.28 -7.22 31.61
CA ASN C 205 -4.86 -7.31 31.88
C ASN C 205 -4.04 -6.51 30.87
N HIS C 206 -3.07 -5.73 31.37
CA HIS C 206 -2.13 -5.04 30.48
C HIS C 206 -0.76 -5.44 31.02
N LYS C 207 -0.22 -6.52 30.47
CA LYS C 207 1.02 -7.08 31.00
C LYS C 207 2.18 -6.08 30.92
N PRO C 208 2.31 -5.29 29.84
CA PRO C 208 3.42 -4.31 29.82
C PRO C 208 3.46 -3.43 31.03
N SER C 209 2.32 -3.08 31.62
CA SER C 209 2.31 -2.23 32.81
C SER C 209 1.90 -2.98 34.08
N ASN C 210 1.90 -4.32 34.06
CA ASN C 210 1.45 -5.12 35.20
C ASN C 210 0.10 -4.62 35.73
N THR C 211 -0.79 -4.29 34.81
CA THR C 211 -2.12 -3.81 35.20
C THR C 211 -3.10 -4.98 35.23
N LYS C 212 -3.84 -5.09 36.32
CA LYS C 212 -4.90 -6.09 36.46
C LYS C 212 -6.07 -5.34 37.06
N VAL C 213 -7.16 -5.29 36.33
CA VAL C 213 -8.32 -4.51 36.74
C VAL C 213 -9.53 -5.39 36.62
N ASP C 214 -10.31 -5.45 37.68
CA ASP C 214 -11.62 -6.11 37.65
C ASP C 214 -12.70 -5.04 37.81
N LYS C 215 -13.65 -5.03 36.88
CA LYS C 215 -14.72 -4.05 36.87
C LYS C 215 -16.06 -4.77 36.77
N LYS C 216 -16.85 -4.65 37.83
CA LYS C 216 -18.22 -5.12 37.80
C LYS C 216 -19.05 -4.14 36.99
N VAL C 217 -19.84 -4.64 36.04
CA VAL C 217 -20.63 -3.79 35.16
C VAL C 217 -22.09 -3.99 35.55
N GLU C 218 -22.69 -2.92 36.09
CA GLU C 218 -24.01 -3.03 36.70
C GLU C 218 -25.00 -2.14 35.96
N PRO C 219 -26.28 -2.54 35.93
CA PRO C 219 -27.37 -1.77 35.30
C PRO C 219 -27.32 -0.26 35.58
N ASP D 1 13.07 -4.80 -8.81
CA ASP D 1 12.37 -5.78 -7.93
C ASP D 1 11.14 -6.38 -8.69
N ILE D 2 10.84 -7.65 -8.46
CA ILE D 2 9.67 -8.27 -9.06
C ILE D 2 8.44 -7.85 -8.27
N VAL D 3 7.41 -7.45 -9.00
CA VAL D 3 6.18 -6.93 -8.43
C VAL D 3 5.14 -8.02 -8.53
N MET D 4 4.54 -8.35 -7.40
CA MET D 4 3.52 -9.38 -7.31
C MET D 4 2.20 -8.69 -7.08
N THR D 5 1.20 -9.03 -7.89
CA THR D 5 -0.12 -8.41 -7.82
C THR D 5 -1.18 -9.49 -7.68
N GLN D 6 -1.98 -9.40 -6.63
CA GLN D 6 -3.05 -10.37 -6.45
C GLN D 6 -4.42 -9.81 -6.77
N SER D 7 -5.35 -10.67 -7.12
CA SER D 7 -6.71 -10.25 -7.53
C SER D 7 -7.62 -11.42 -7.19
N PRO D 8 -8.78 -11.19 -6.55
CA PRO D 8 -9.26 -9.94 -5.96
C PRO D 8 -8.61 -9.67 -4.62
N ASP D 9 -8.90 -8.48 -4.07
CA ASP D 9 -8.42 -8.16 -2.74
C ASP D 9 -9.18 -8.89 -1.63
N SER D 10 -10.42 -9.27 -1.86
CA SER D 10 -11.20 -10.01 -0.87
C SER D 10 -12.26 -10.81 -1.61
N LEU D 11 -12.65 -11.90 -1.00
CA LEU D 11 -13.56 -12.87 -1.59
CA LEU D 11 -13.55 -12.87 -1.60
C LEU D 11 -14.50 -13.35 -0.52
N ALA D 12 -15.77 -13.48 -0.87
CA ALA D 12 -16.78 -14.10 0.02
C ALA D 12 -17.37 -15.29 -0.73
N VAL D 13 -17.28 -16.48 -0.14
CA VAL D 13 -17.73 -17.72 -0.76
C VAL D 13 -18.61 -18.46 0.23
N SER D 14 -19.66 -19.09 -0.26
CA SER D 14 -20.43 -19.94 0.63
C SER D 14 -19.63 -21.21 0.99
N LEU D 15 -19.97 -21.78 2.14
CA LEU D 15 -19.36 -23.02 2.58
C LEU D 15 -19.56 -24.10 1.52
N GLY D 16 -18.48 -24.78 1.18
CA GLY D 16 -18.53 -25.80 0.16
C GLY D 16 -18.33 -25.32 -1.27
N GLU D 17 -18.26 -24.02 -1.50
CA GLU D 17 -18.10 -23.46 -2.83
C GLU D 17 -16.62 -23.28 -3.15
N ARG D 18 -16.36 -22.78 -4.36
CA ARG D 18 -15.03 -22.67 -4.93
C ARG D 18 -14.49 -21.27 -4.74
N ALA D 19 -13.28 -21.17 -4.22
CA ALA D 19 -12.56 -19.90 -4.15
C ALA D 19 -11.36 -19.91 -5.09
N THR D 20 -11.21 -18.85 -5.88
CA THR D 20 -10.12 -18.71 -6.85
C THR D 20 -9.39 -17.44 -6.57
N ILE D 21 -8.08 -17.52 -6.43
CA ILE D 21 -7.22 -16.37 -6.15
C ILE D 21 -6.15 -16.28 -7.23
N ASN D 22 -6.01 -15.11 -7.87
CA ASN D 22 -5.05 -14.92 -8.94
C ASN D 22 -3.85 -14.13 -8.47
N CYS D 23 -2.70 -14.45 -9.04
CA CYS D 23 -1.42 -13.78 -8.75
C CYS D 23 -0.67 -13.54 -10.05
N LYS D 24 -0.17 -12.33 -10.28
CA LYS D 24 0.55 -11.97 -11.50
C LYS D 24 1.92 -11.44 -11.10
N SER D 25 2.95 -11.89 -11.78
CA SER D 25 4.30 -11.39 -11.59
CA SER D 25 4.30 -11.36 -11.57
C SER D 25 4.71 -10.47 -12.73
N SER D 26 5.51 -9.44 -12.45
CA SER D 26 5.96 -8.53 -13.48
C SER D 26 6.98 -9.16 -14.39
N GLN D 27 7.56 -10.31 -14.02
CA GLN D 27 8.46 -11.01 -14.91
C GLN D 27 8.36 -12.51 -14.64
N SER D 28 8.82 -13.29 -15.62
CA SER D 28 8.64 -14.72 -15.50
C SER D 28 9.38 -15.28 -14.28
N LEU D 29 8.73 -16.21 -13.59
CA LEU D 29 9.32 -16.89 -12.43
C LEU D 29 9.83 -18.26 -12.76
N LEU D 30 9.94 -18.58 -14.04
CA LEU D 30 10.35 -19.91 -14.50
C LEU D 30 11.86 -19.94 -14.77
N ASN D 31 12.54 -20.88 -14.14
CA ASN D 31 13.94 -21.17 -14.43
C ASN D 31 13.95 -22.28 -15.48
N ALA D 32 14.42 -21.95 -16.68
CA ALA D 32 14.29 -22.84 -17.82
C ALA D 32 15.09 -24.11 -17.67
N ARG D 33 16.15 -24.10 -16.85
CA ARG D 33 16.99 -25.29 -16.75
C ARG D 33 16.58 -26.21 -15.61
N THR D 34 15.69 -25.75 -14.72
CA THR D 34 15.11 -26.63 -13.71
C THR D 34 13.64 -26.94 -14.01
N GLY D 35 13.01 -26.17 -14.89
CA GLY D 35 11.56 -26.27 -15.09
C GLY D 35 10.67 -25.79 -13.96
N LYS D 36 11.22 -25.21 -12.88
CA LYS D 36 10.43 -24.81 -11.74
C LYS D 36 9.99 -23.36 -11.89
N ASN D 37 8.76 -23.08 -11.49
CA ASN D 37 8.26 -21.73 -11.28
C ASN D 37 8.33 -21.45 -9.78
N TYR D 38 9.10 -20.45 -9.38
CA TYR D 38 9.35 -20.22 -7.94
C TYR D 38 8.26 -19.30 -7.41
N LEU D 39 7.04 -19.88 -7.34
CA LEU D 39 5.86 -19.21 -6.80
C LEU D 39 5.26 -20.08 -5.69
N ALA D 40 4.84 -19.44 -4.61
CA ALA D 40 4.39 -20.11 -3.41
C ALA D 40 3.16 -19.40 -2.89
N TRP D 41 2.30 -20.15 -2.23
CA TRP D 41 1.11 -19.61 -1.58
C TRP D 41 1.15 -19.90 -0.07
N TYR D 42 0.84 -18.88 0.72
CA TYR D 42 0.81 -18.93 2.16
C TYR D 42 -0.58 -18.49 2.64
N GLN D 43 -1.01 -19.08 3.76
CA GLN D 43 -2.23 -18.77 4.47
C GLN D 43 -1.90 -18.15 5.82
N GLN D 44 -2.51 -17.01 6.14
CA GLN D 44 -2.23 -16.34 7.39
C GLN D 44 -3.51 -16.00 8.13
N LYS D 45 -3.57 -16.41 9.39
CA LYS D 45 -4.65 -16.08 10.28
C LYS D 45 -4.18 -15.08 11.32
N PRO D 46 -5.08 -14.35 12.00
CA PRO D 46 -4.64 -13.33 12.97
C PRO D 46 -3.78 -13.91 14.10
N GLY D 47 -2.74 -13.17 14.43
CA GLY D 47 -1.85 -13.51 15.52
C GLY D 47 -0.81 -14.56 15.20
N GLN D 48 -0.78 -15.04 13.95
CA GLN D 48 0.05 -16.19 13.58
C GLN D 48 0.96 -15.83 12.41
N PRO D 49 2.09 -16.51 12.29
CA PRO D 49 2.87 -16.40 11.13
C PRO D 49 2.14 -17.06 9.97
N PRO D 50 2.49 -16.71 8.75
CA PRO D 50 1.94 -17.39 7.57
C PRO D 50 2.29 -18.87 7.59
N LYS D 51 1.44 -19.65 6.94
CA LYS D 51 1.59 -21.10 6.78
C LYS D 51 1.74 -21.44 5.31
N LEU D 52 2.78 -22.19 4.96
CA LEU D 52 3.01 -22.62 3.58
C LEU D 52 1.94 -23.63 3.12
N LEU D 53 1.32 -23.32 1.98
CA LEU D 53 0.35 -24.23 1.35
C LEU D 53 0.88 -24.95 0.12
N ILE D 54 1.50 -24.21 -0.79
CA ILE D 54 1.82 -24.62 -2.15
C ILE D 54 3.17 -23.98 -2.47
N TYR D 55 4.12 -24.75 -3.02
CA TYR D 55 5.36 -24.18 -3.52
C TYR D 55 5.66 -24.70 -4.92
N TRP D 56 6.60 -24.05 -5.60
CA TRP D 56 6.96 -24.38 -7.00
C TRP D 56 5.70 -24.34 -7.89
N ALA D 57 4.78 -23.44 -7.52
CA ALA D 57 3.53 -23.14 -8.24
C ALA D 57 2.42 -24.17 -8.02
N SER D 58 2.77 -25.47 -7.97
CA SER D 58 1.70 -26.46 -7.90
C SER D 58 1.99 -27.64 -6.97
N THR D 59 3.07 -27.61 -6.20
CA THR D 59 3.43 -28.71 -5.32
C THR D 59 2.85 -28.38 -3.95
N ARG D 60 2.01 -29.29 -3.46
CA ARG D 60 1.36 -29.10 -2.17
CA ARG D 60 1.36 -29.12 -2.17
C ARG D 60 2.30 -29.52 -1.04
N GLU D 61 2.35 -28.69 0.01
CA GLU D 61 3.20 -28.96 1.18
C GLU D 61 2.60 -30.09 2.02
N SER D 62 3.50 -30.81 2.71
CA SER D 62 3.10 -31.90 3.58
C SER D 62 2.03 -31.43 4.54
N GLY D 63 0.95 -32.21 4.64
CA GLY D 63 -0.10 -31.97 5.57
C GLY D 63 -1.19 -31.04 5.11
N VAL D 64 -1.00 -30.34 4.00
CA VAL D 64 -2.02 -29.43 3.48
C VAL D 64 -3.13 -30.25 2.81
N PRO D 65 -4.41 -29.95 3.10
CA PRO D 65 -5.51 -30.75 2.54
C PRO D 65 -5.53 -30.68 1.02
N ASP D 66 -6.01 -31.75 0.38
CA ASP D 66 -5.98 -31.82 -1.07
CA ASP D 66 -5.92 -31.76 -1.08
C ASP D 66 -6.92 -30.81 -1.74
N ARG D 67 -7.78 -30.14 -0.99
CA ARG D 67 -8.68 -29.17 -1.62
C ARG D 67 -7.97 -27.92 -2.05
N PHE D 68 -6.75 -27.71 -1.60
CA PHE D 68 -5.94 -26.56 -2.01
C PHE D 68 -5.07 -27.01 -3.19
N SER D 69 -5.11 -26.26 -4.29
CA SER D 69 -4.27 -26.59 -5.43
C SER D 69 -3.83 -25.31 -6.12
N GLY D 70 -2.61 -25.35 -6.69
CA GLY D 70 -2.06 -24.21 -7.39
C GLY D 70 -1.76 -24.59 -8.83
N SER D 71 -1.87 -23.60 -9.71
CA SER D 71 -1.62 -23.79 -11.13
C SER D 71 -1.04 -22.52 -11.71
N GLY D 72 -0.64 -22.60 -12.96
CA GLY D 72 -0.09 -21.47 -13.69
C GLY D 72 1.40 -21.62 -13.93
N SER D 73 1.93 -20.71 -14.73
CA SER D 73 3.31 -20.76 -15.17
C SER D 73 3.71 -19.37 -15.61
N GLY D 74 5.00 -19.08 -15.51
CA GLY D 74 5.50 -17.84 -16.07
C GLY D 74 5.17 -16.64 -15.22
N THR D 75 4.15 -15.88 -15.62
CA THR D 75 3.73 -14.68 -14.89
C THR D 75 2.33 -14.73 -14.30
N ASP D 76 1.55 -15.78 -14.53
CA ASP D 76 0.15 -15.87 -14.10
C ASP D 76 -0.11 -17.15 -13.33
N PHE D 77 -0.60 -17.02 -12.11
CA PHE D 77 -0.72 -18.16 -11.23
C PHE D 77 -2.09 -18.08 -10.55
N THR D 78 -2.58 -19.24 -10.13
CA THR D 78 -3.88 -19.27 -9.47
C THR D 78 -3.85 -20.24 -8.31
N LEU D 79 -4.47 -19.83 -7.18
CA LEU D 79 -4.74 -20.73 -6.08
C LEU D 79 -6.23 -21.05 -6.06
N THR D 80 -6.59 -22.34 -6.10
CA THR D 80 -7.98 -22.75 -6.01
C THR D 80 -8.22 -23.52 -4.72
N ILE D 81 -9.25 -23.10 -3.98
CA ILE D 81 -9.82 -23.85 -2.86
C ILE D 81 -11.13 -24.44 -3.36
N SER D 82 -11.19 -25.76 -3.48
CA SER D 82 -12.23 -26.41 -4.26
C SER D 82 -13.54 -26.55 -3.49
N SER D 83 -13.47 -26.62 -2.17
CA SER D 83 -14.69 -26.66 -1.37
C SER D 83 -14.37 -25.99 -0.04
N LEU D 84 -14.77 -24.73 0.09
CA LEU D 84 -14.34 -23.89 1.20
C LEU D 84 -14.91 -24.43 2.50
N GLN D 85 -14.05 -24.53 3.52
CA GLN D 85 -14.45 -24.95 4.86
C GLN D 85 -14.20 -23.78 5.79
N ALA D 86 -14.83 -23.81 6.97
CA ALA D 86 -14.76 -22.64 7.84
C ALA D 86 -13.31 -22.34 8.27
N GLU D 87 -12.50 -23.38 8.35
CA GLU D 87 -11.11 -23.30 8.75
C GLU D 87 -10.25 -22.55 7.73
N ASP D 88 -10.79 -22.31 6.53
CA ASP D 88 -10.04 -21.72 5.44
C ASP D 88 -10.16 -20.19 5.40
N VAL D 89 -10.96 -19.61 6.28
CA VAL D 89 -11.04 -18.15 6.42
C VAL D 89 -9.71 -17.62 6.95
N ALA D 90 -9.05 -16.79 6.15
CA ALA D 90 -7.66 -16.38 6.34
C ALA D 90 -7.35 -15.38 5.24
N VAL D 91 -6.19 -14.79 5.31
CA VAL D 91 -5.60 -14.02 4.21
C VAL D 91 -4.60 -14.91 3.49
N TYR D 92 -4.66 -14.94 2.17
CA TYR D 92 -3.74 -15.73 1.38
C TYR D 92 -2.77 -14.78 0.67
N TYR D 93 -1.51 -15.19 0.60
CA TYR D 93 -0.48 -14.40 -0.08
C TYR D 93 0.22 -15.26 -1.13
N CYS D 94 0.42 -14.75 -2.35
CA CYS D 94 1.43 -15.36 -3.20
C CYS D 94 2.80 -14.76 -2.89
N LYS D 95 3.87 -15.45 -3.30
CA LYS D 95 5.21 -14.96 -3.01
C LYS D 95 6.18 -15.54 -4.03
N GLN D 96 7.01 -14.71 -4.64
CA GLN D 96 7.98 -15.21 -5.58
C GLN D 96 9.31 -15.37 -4.88
N SER D 97 10.04 -16.43 -5.24
CA SER D 97 11.39 -16.66 -4.71
C SER D 97 12.39 -16.86 -5.84
N TYR D 98 12.04 -16.35 -7.03
CA TYR D 98 12.92 -16.43 -8.19
C TYR D 98 14.14 -15.53 -8.05
N SER D 99 13.93 -14.30 -7.58
CA SER D 99 14.99 -13.31 -7.39
C SER D 99 14.66 -12.49 -6.14
N ARG D 100 15.43 -12.67 -5.08
CA ARG D 100 15.06 -12.16 -3.76
CA ARG D 100 15.06 -12.18 -3.75
C ARG D 100 13.67 -12.70 -3.43
N ARG D 101 12.84 -11.90 -2.74
CA ARG D 101 11.53 -12.35 -2.28
C ARG D 101 10.56 -11.20 -2.34
N THR D 102 9.36 -11.45 -2.88
CA THR D 102 8.30 -10.46 -2.82
CA THR D 102 8.28 -10.46 -2.91
C THR D 102 6.95 -11.16 -2.68
N PHE D 103 6.15 -10.59 -1.78
CA PHE D 103 4.79 -11.03 -1.55
C PHE D 103 3.80 -10.14 -2.31
N GLY D 104 2.69 -10.77 -2.69
CA GLY D 104 1.56 -10.02 -3.15
C GLY D 104 0.90 -9.27 -2.01
N GLY D 105 -0.17 -8.58 -2.37
CA GLY D 105 -0.91 -7.81 -1.36
C GLY D 105 -1.83 -8.56 -0.42
N GLY D 106 -2.12 -9.82 -0.72
CA GLY D 106 -3.00 -10.56 0.14
C GLY D 106 -4.41 -10.54 -0.42
N THR D 107 -5.10 -11.66 -0.25
CA THR D 107 -6.51 -11.80 -0.54
C THR D 107 -7.20 -12.33 0.70
N LYS D 108 -8.17 -11.59 1.20
CA LYS D 108 -8.92 -11.99 2.38
C LYS D 108 -10.10 -12.84 1.96
N VAL D 109 -10.19 -14.06 2.49
CA VAL D 109 -11.28 -14.99 2.20
C VAL D 109 -12.22 -15.05 3.39
N GLU D 110 -13.50 -14.81 3.16
CA GLU D 110 -14.51 -14.90 4.19
C GLU D 110 -15.63 -15.83 3.73
N ILE D 111 -16.44 -16.29 4.69
CA ILE D 111 -17.65 -17.05 4.41
C ILE D 111 -18.80 -16.13 4.04
N LYS D 112 -19.44 -16.40 2.92
CA LYS D 112 -20.65 -15.69 2.52
C LYS D 112 -21.84 -16.28 3.26
N ARG D 113 -22.71 -15.45 3.82
CA ARG D 113 -23.95 -15.94 4.42
C ARG D 113 -25.08 -14.99 4.06
N THR D 114 -26.28 -15.30 4.53
CA THR D 114 -27.43 -14.45 4.26
C THR D 114 -27.25 -13.09 4.94
N VAL D 115 -27.85 -12.07 4.35
CA VAL D 115 -27.76 -10.77 4.99
C VAL D 115 -28.35 -10.85 6.39
N ALA D 116 -27.71 -10.12 7.33
CA ALA D 116 -28.15 -10.03 8.72
C ALA D 116 -28.02 -8.60 9.22
N ALA D 117 -29.14 -8.01 9.64
CA ALA D 117 -29.06 -6.64 10.13
C ALA D 117 -28.42 -6.57 11.50
N PRO D 118 -27.75 -5.47 11.83
CA PRO D 118 -27.16 -5.31 13.15
C PRO D 118 -28.20 -5.01 14.20
N SER D 119 -27.91 -5.49 15.39
CA SER D 119 -28.59 -5.03 16.59
C SER D 119 -27.73 -3.91 17.11
N VAL D 120 -28.34 -2.75 17.38
CA VAL D 120 -27.60 -1.52 17.69
C VAL D 120 -27.84 -1.13 19.14
N PHE D 121 -26.80 -0.70 19.81
CA PHE D 121 -26.84 -0.33 21.20
C PHE D 121 -26.01 0.93 21.35
N ILE D 122 -26.43 1.82 22.24
CA ILE D 122 -25.64 3.00 22.54
C ILE D 122 -25.35 3.04 24.03
N PHE D 123 -24.15 3.48 24.38
CA PHE D 123 -23.74 3.57 25.77
C PHE D 123 -23.26 4.97 26.15
N PRO D 124 -23.83 5.60 27.16
CA PRO D 124 -23.33 6.91 27.61
C PRO D 124 -21.98 6.81 28.27
N PRO D 125 -21.29 7.93 28.46
CA PRO D 125 -20.05 7.92 29.26
C PRO D 125 -20.39 7.61 30.68
N SER D 126 -19.49 6.90 31.34
CA SER D 126 -19.65 6.66 32.76
C SER D 126 -19.38 7.94 33.56
N ASP D 127 -20.00 8.03 34.73
CA ASP D 127 -19.65 9.13 35.64
C ASP D 127 -18.18 9.06 36.04
N GLU D 128 -17.63 7.86 36.16
CA GLU D 128 -16.23 7.75 36.57
CA GLU D 128 -16.23 7.72 36.56
C GLU D 128 -15.29 8.36 35.53
N GLN D 129 -15.64 8.31 34.26
CA GLN D 129 -14.80 8.90 33.23
C GLN D 129 -14.96 10.40 33.21
N LEU D 130 -16.17 10.90 33.47
CA LEU D 130 -16.41 12.33 33.36
C LEU D 130 -15.54 13.17 34.29
N LYS D 131 -15.12 12.62 35.43
CA LYS D 131 -14.29 13.40 36.35
C LYS D 131 -12.94 13.78 35.73
N SER D 132 -12.41 12.90 34.86
CA SER D 132 -11.13 13.12 34.18
C SER D 132 -11.25 14.09 33.00
N GLY D 133 -12.45 14.61 32.72
CA GLY D 133 -12.61 15.62 31.70
C GLY D 133 -12.88 15.12 30.31
N THR D 134 -13.03 13.82 30.14
CA THR D 134 -13.29 13.24 28.83
C THR D 134 -14.59 12.46 28.90
N ALA D 135 -15.31 12.46 27.78
CA ALA D 135 -16.54 11.70 27.63
C ALA D 135 -16.43 10.81 26.39
N SER D 136 -16.56 9.50 26.61
CA SER D 136 -16.55 8.53 25.53
C SER D 136 -17.95 7.98 25.41
N VAL D 137 -18.52 8.07 24.21
CA VAL D 137 -19.83 7.52 23.88
C VAL D 137 -19.61 6.39 22.89
N VAL D 138 -20.19 5.22 23.15
CA VAL D 138 -19.92 4.02 22.39
C VAL D 138 -21.20 3.56 21.71
N CYS D 139 -21.11 3.31 20.41
CA CYS D 139 -22.18 2.70 19.66
C CYS D 139 -21.76 1.30 19.21
N LEU D 140 -22.56 0.30 19.53
CA LEU D 140 -22.27 -1.08 19.18
C LEU D 140 -23.22 -1.56 18.08
N LEU D 141 -22.66 -2.12 17.01
CA LEU D 141 -23.43 -2.82 15.99
C LEU D 141 -23.09 -4.30 16.09
N ASN D 142 -24.06 -5.13 16.41
CA ASN D 142 -23.77 -6.52 16.79
C ASN D 142 -24.31 -7.51 15.78
N ASN D 143 -23.41 -8.38 15.32
CA ASN D 143 -23.70 -9.60 14.57
C ASN D 143 -24.45 -9.32 13.25
N PHE D 144 -23.75 -8.65 12.32
CA PHE D 144 -24.31 -8.31 11.02
C PHE D 144 -23.50 -8.91 9.90
N TYR D 145 -24.12 -8.93 8.71
CA TYR D 145 -23.47 -9.36 7.48
C TYR D 145 -24.22 -8.73 6.31
N PRO D 146 -23.53 -8.21 5.29
CA PRO D 146 -22.08 -8.14 5.11
C PRO D 146 -21.35 -7.12 6.04
N ARG D 147 -20.03 -7.03 5.85
CA ARG D 147 -19.17 -6.26 6.75
CA ARG D 147 -19.17 -6.27 6.75
C ARG D 147 -19.39 -4.77 6.63
N GLU D 148 -19.77 -4.28 5.47
CA GLU D 148 -19.87 -2.84 5.28
CA GLU D 148 -19.88 -2.84 5.27
C GLU D 148 -21.03 -2.28 6.10
N ALA D 149 -20.74 -1.23 6.89
CA ALA D 149 -21.75 -0.59 7.71
C ALA D 149 -21.38 0.88 7.87
N LYS D 150 -22.37 1.75 7.94
CA LYS D 150 -22.16 3.19 8.03
C LYS D 150 -22.74 3.67 9.36
N VAL D 151 -21.86 4.29 10.17
CA VAL D 151 -22.22 4.82 11.48
C VAL D 151 -22.02 6.33 11.47
N GLN D 152 -23.09 7.06 11.79
CA GLN D 152 -23.01 8.53 11.88
C GLN D 152 -23.38 8.92 13.30
N TRP D 153 -22.58 9.78 13.91
CA TRP D 153 -22.86 10.34 15.22
C TRP D 153 -23.56 11.69 15.08
N LYS D 154 -24.64 11.88 15.82
CA LYS D 154 -25.34 13.16 15.85
C LYS D 154 -25.46 13.61 17.30
N VAL D 155 -25.08 14.85 17.56
CA VAL D 155 -25.18 15.48 18.87
C VAL D 155 -26.13 16.67 18.70
N ASP D 156 -27.27 16.62 19.39
CA ASP D 156 -28.32 17.60 19.18
C ASP D 156 -28.58 17.86 17.69
N ASN D 157 -28.70 16.76 16.96
CA ASN D 157 -29.02 16.65 15.54
C ASN D 157 -27.84 16.99 14.63
N ALA D 158 -26.72 17.47 15.15
CA ALA D 158 -25.61 17.92 14.33
C ALA D 158 -24.66 16.75 14.02
N LEU D 159 -24.46 16.49 12.74
CA LEU D 159 -23.56 15.41 12.35
C LEU D 159 -22.14 15.72 12.83
N GLN D 160 -21.53 14.73 13.47
CA GLN D 160 -20.18 14.84 14.01
C GLN D 160 -19.15 14.40 12.99
N SER D 161 -17.97 15.08 13.01
CA SER D 161 -16.89 14.73 12.09
C SER D 161 -15.57 14.79 12.83
N GLY D 162 -14.74 13.78 12.60
CA GLY D 162 -13.36 13.77 13.04
C GLY D 162 -13.14 13.53 14.51
N ASN D 163 -14.18 13.14 15.25
CA ASN D 163 -14.07 12.88 16.68
C ASN D 163 -14.53 11.47 17.02
N SER D 164 -14.53 10.58 16.05
CA SER D 164 -14.89 9.19 16.32
C SER D 164 -13.87 8.27 15.68
N GLN D 165 -13.83 7.02 16.19
CA GLN D 165 -12.99 5.97 15.63
C GLN D 165 -13.72 4.67 15.82
N GLU D 166 -13.51 3.73 14.90
CA GLU D 166 -14.23 2.48 14.94
C GLU D 166 -13.30 1.31 14.66
N SER D 167 -13.78 0.13 15.03
CA SER D 167 -13.03 -1.08 14.68
C SER D 167 -14.06 -2.20 14.59
N VAL D 168 -13.66 -3.28 13.93
CA VAL D 168 -14.57 -4.35 13.53
C VAL D 168 -13.92 -5.68 13.90
N THR D 169 -14.69 -6.60 14.45
CA THR D 169 -14.18 -7.92 14.77
C THR D 169 -13.89 -8.71 13.50
N GLU D 170 -13.14 -9.80 13.69
CA GLU D 170 -13.03 -10.79 12.61
C GLU D 170 -14.35 -11.52 12.48
N GLN D 171 -14.52 -12.24 11.36
CA GLN D 171 -15.80 -12.88 11.13
C GLN D 171 -16.01 -13.94 12.22
N ASP D 172 -17.20 -13.97 12.80
CA ASP D 172 -17.49 -14.91 13.88
C ASP D 172 -17.49 -16.36 13.38
N SER D 173 -16.84 -17.27 14.13
CA SER D 173 -16.70 -18.65 13.70
C SER D 173 -18.05 -19.37 13.63
N LYS D 174 -18.98 -19.00 14.50
CA LYS D 174 -20.23 -19.72 14.61
C LYS D 174 -21.26 -19.25 13.57
N ASP D 175 -21.49 -17.92 13.49
CA ASP D 175 -22.58 -17.38 12.71
C ASP D 175 -22.12 -16.54 11.54
N SER D 176 -20.83 -16.42 11.30
CA SER D 176 -20.23 -15.77 10.13
C SER D 176 -20.57 -14.29 10.05
N THR D 177 -20.91 -13.66 11.16
CA THR D 177 -21.22 -12.23 11.24
C THR D 177 -20.03 -11.44 11.76
N TYR D 178 -20.14 -10.13 11.62
CA TYR D 178 -19.23 -9.14 12.14
C TYR D 178 -19.91 -8.34 13.22
N SER D 179 -19.12 -7.70 14.06
CA SER D 179 -19.60 -6.67 14.96
C SER D 179 -18.68 -5.45 14.83
N LEU D 180 -19.22 -4.29 15.14
CA LEU D 180 -18.49 -3.05 15.03
C LEU D 180 -18.72 -2.20 16.27
N SER D 181 -17.68 -1.54 16.73
CA SER D 181 -17.78 -0.61 17.84
CA SER D 181 -17.75 -0.61 17.85
C SER D 181 -17.24 0.75 17.40
N SER D 182 -18.01 1.81 17.65
CA SER D 182 -17.60 3.18 17.31
C SER D 182 -17.59 4.02 18.58
N THR D 183 -16.53 4.78 18.79
CA THR D 183 -16.40 5.60 19.98
C THR D 183 -16.34 7.05 19.55
N LEU D 184 -17.27 7.85 20.03
CA LEU D 184 -17.23 9.30 19.91
C LEU D 184 -16.59 9.88 21.17
N THR D 185 -15.55 10.66 21.01
CA THR D 185 -14.80 11.23 22.13
C THR D 185 -15.00 12.75 22.17
N LEU D 186 -15.56 13.22 23.27
CA LEU D 186 -15.80 14.63 23.51
C LEU D 186 -15.13 15.05 24.81
N SER D 187 -14.79 16.34 24.88
CA SER D 187 -14.42 16.91 26.18
C SER D 187 -15.64 16.91 27.09
N LYS D 188 -15.41 16.82 28.40
CA LYS D 188 -16.51 16.97 29.35
C LYS D 188 -17.28 18.26 29.11
N ALA D 189 -16.56 19.37 28.94
CA ALA D 189 -17.23 20.65 28.70
C ALA D 189 -18.16 20.57 27.50
N ASP D 190 -17.71 19.96 26.39
CA ASP D 190 -18.60 19.85 25.23
C ASP D 190 -19.74 18.88 25.50
N TYR D 191 -19.47 17.78 26.21
CA TYR D 191 -20.52 16.81 26.52
C TYR D 191 -21.66 17.47 27.30
N GLU D 192 -21.32 18.32 28.27
CA GLU D 192 -22.32 18.97 29.11
C GLU D 192 -23.19 19.97 28.35
N LYS D 193 -22.70 20.49 27.22
CA LYS D 193 -23.41 21.52 26.46
C LYS D 193 -24.60 20.98 25.67
N HIS D 194 -24.72 19.65 25.52
CA HIS D 194 -25.71 19.10 24.60
C HIS D 194 -26.53 18.02 25.28
N LYS D 195 -27.70 17.78 24.72
CA LYS D 195 -28.68 16.88 25.30
C LYS D 195 -28.70 15.54 24.59
N VAL D 196 -28.95 15.53 23.29
CA VAL D 196 -29.30 14.31 22.57
C VAL D 196 -28.04 13.74 21.92
N TYR D 197 -27.75 12.48 22.22
CA TYR D 197 -26.59 11.78 21.68
C TYR D 197 -27.13 10.59 20.91
N ALA D 198 -26.78 10.50 19.62
CA ALA D 198 -27.40 9.49 18.81
C ALA D 198 -26.38 8.92 17.83
N CYS D 199 -26.51 7.62 17.59
CA CYS D 199 -25.79 6.90 16.56
CA CYS D 199 -25.79 7.01 16.51
C CYS D 199 -26.82 6.43 15.55
N GLU D 200 -26.60 6.75 14.27
CA GLU D 200 -27.49 6.35 13.18
C GLU D 200 -26.78 5.33 12.32
N VAL D 201 -27.41 4.17 12.11
CA VAL D 201 -26.75 3.05 11.46
C VAL D 201 -27.43 2.75 10.13
N THR D 202 -26.62 2.66 9.07
CA THR D 202 -27.07 2.30 7.73
C THR D 202 -26.42 0.96 7.39
N HIS D 203 -27.21 0.02 6.86
CA HIS D 203 -26.71 -1.30 6.56
C HIS D 203 -27.69 -2.00 5.64
N GLN D 204 -27.13 -2.91 4.83
CA GLN D 204 -27.94 -3.55 3.79
C GLN D 204 -29.16 -4.25 4.38
N GLY D 205 -29.03 -4.80 5.58
CA GLY D 205 -30.11 -5.55 6.17
C GLY D 205 -31.20 -4.71 6.76
N LEU D 206 -31.04 -3.40 6.78
CA LEU D 206 -32.03 -2.50 7.37
C LEU D 206 -32.78 -1.79 6.26
N SER D 207 -34.12 -1.87 6.28
CA SER D 207 -34.89 -1.20 5.24
C SER D 207 -34.70 0.31 5.30
N SER D 208 -34.41 0.84 6.47
CA SER D 208 -34.10 2.26 6.61
C SER D 208 -33.15 2.38 7.78
N PRO D 209 -32.43 3.50 7.88
CA PRO D 209 -31.43 3.62 8.96
C PRO D 209 -32.10 3.52 10.32
N VAL D 210 -31.32 3.08 11.28
CA VAL D 210 -31.76 2.85 12.64
C VAL D 210 -30.99 3.79 13.54
N THR D 211 -31.69 4.51 14.38
CA THR D 211 -31.06 5.45 15.30
C THR D 211 -31.24 4.93 16.72
N LYS D 212 -30.19 4.93 17.50
CA LYS D 212 -30.28 4.72 18.94
C LYS D 212 -29.76 5.98 19.60
N SER D 213 -30.41 6.41 20.66
CA SER D 213 -30.02 7.65 21.30
C SER D 213 -30.30 7.57 22.78
N PHE D 214 -29.63 8.48 23.51
CA PHE D 214 -30.00 8.78 24.89
C PHE D 214 -29.95 10.29 25.07
N ASN D 215 -30.68 10.76 26.05
CA ASN D 215 -30.59 12.14 26.49
C ASN D 215 -29.65 12.18 27.68
N ARG D 216 -28.62 13.01 27.60
CA ARG D 216 -27.74 13.20 28.76
C ARG D 216 -28.54 13.50 30.03
N GLY D 217 -28.24 12.76 31.09
CA GLY D 217 -28.87 13.00 32.38
C GLY D 217 -30.10 12.19 32.70
N GLU D 218 -30.31 11.05 32.04
CA GLU D 218 -31.47 10.20 32.31
C GLU D 218 -30.99 8.81 32.75
N ASP E 2 -24.81 6.04 -8.51
CA ASP E 2 -24.59 4.74 -9.17
C ASP E 2 -25.40 4.54 -10.41
N GLY E 3 -24.71 4.11 -11.47
CA GLY E 3 -25.40 3.77 -12.73
C GLY E 3 -26.57 2.80 -12.60
N ASN E 4 -26.45 1.82 -11.70
CA ASN E 4 -27.52 0.85 -11.53
C ASN E 4 -28.75 1.44 -10.85
N GLU E 5 -28.71 2.67 -10.38
CA GLU E 5 -29.89 3.36 -9.84
C GLU E 5 -30.44 4.42 -10.77
N GLU E 6 -29.86 4.61 -11.95
CA GLU E 6 -30.41 5.56 -12.90
C GLU E 6 -31.78 5.07 -13.40
N MET E 7 -32.74 6.00 -13.45
CA MET E 7 -34.09 5.68 -13.88
C MET E 7 -34.29 5.78 -15.40
N ASP F 2 18.38 -17.67 -4.33
CA ASP F 2 17.51 -17.29 -5.44
C ASP F 2 17.22 -18.45 -6.37
N GLY F 3 15.94 -18.60 -6.67
CA GLY F 3 15.54 -19.67 -7.59
C GLY F 3 16.21 -19.59 -8.96
N ASN F 4 16.46 -18.36 -9.46
CA ASN F 4 17.06 -18.19 -10.78
C ASN F 4 18.52 -18.63 -10.81
N GLU F 5 19.11 -18.99 -9.67
CA GLU F 5 20.48 -19.49 -9.63
C GLU F 5 20.53 -21.00 -9.33
N GLU F 6 19.39 -21.64 -9.22
CA GLU F 6 19.38 -23.08 -9.11
C GLU F 6 19.92 -23.72 -10.39
N MET F 7 20.97 -24.56 -10.29
CA MET F 7 21.65 -25.08 -11.49
C MET F 7 21.06 -26.42 -11.96
#